data_8UBR
#
_entry.id   8UBR
#
_cell.length_a   1.00
_cell.length_b   1.00
_cell.length_c   1.00
_cell.angle_alpha   90.00
_cell.angle_beta   90.00
_cell.angle_gamma   90.00
#
_symmetry.space_group_name_H-M   'P 1'
#
loop_
_entity.id
_entity.type
_entity.pdbx_description
1 polymer 'Cystic fibrosis transmembrane conductance regulator'
2 non-polymer 'MAGNESIUM ION'
3 non-polymer "ADENOSINE-5'-TRIPHOSPHATE"
4 non-polymer 1-palmitoyl-2-oleoyl-sn-glycero-3-phosphocholine
5 non-polymer CHOLESTEROL
6 non-polymer '4-[(Z)-{(3M)-4-oxo-2-sulfanylidene-3-[3-(trifluoromethyl)phenyl]-1,3-thiazolidin-5-ylidene}methyl]benzoic acid'
7 water water
#
_entity_poly.entity_id   1
_entity_poly.type   'polypeptide(L)'
_entity_poly.pdbx_seq_one_letter_code
;MQRSPLEKASVVSKLFFSWTRPILRKGYRQRLELSDIYQIPSVDSADNLSEKLEREWDRELASKKNPKLINALRRCFFWR
FMFYGIFLYLGEVTKAVQPLLLGRIIASYDPDNKEERSIAIYLGIGLCLLFIVRTLLLHPAIFGLHHIGMQMRIAMFSLI
YKKTLKLSSRVLDKISIGQLVSLLSNNLNKFDEGLALAHFVWIAPLQVALLMGLIWELLQASAFCGLGFLIVLALFQAGL
GRMMMKYRDQRAGKISERLVITSEMIENIQSVKAYCWEEAMEKMIENLRQTELKLTRKAAYVRYFNSSAFFFSGFFVVFL
SVLPYALIKGIILRKIFTTISFCIVLRMAVTRQFPWAVQTWYDSLGAINKIQDFLQKQEYKTLEYNLTTTEVVMENVTAF
WEEGFGELFEKAKQNNNNRKTSNGDDSLFFSNFSLLGTPVLKDINFKIERGQLLAVAGSTGAGKTSLLMVIMGELEPSEG
KIKHSGRISFCSQFSWIMPGTIKENIIFGVSYDEYRYRSVIKACQLEEDISKFAEKDNIVLGEGGITLSGGQRARISLAR
AVYKDADLYLLDSPFGYLDVLTEKEIFESCVCKLMANKTRILVTSKMEHLKKADKILILHEGSSYFYGTFSELQNLQPDF
SSKLMGCDSFDQFSAERRNSILTETLHRFSLEGDAPVSWTETKKQSFKQTGEFGEKRKNSILNPINSIRKFSIVQKTPLQ
MNGIEEDSDEPLERRLSLVPDSEQGEAILPRISVISTGPTLQARRRQSVLNLMTHSVNQGQNIHRKTTASTRKVSLAPQA
NLTELDIYSRRLSQETGLEISEEINEEDLKECFFDDMESIPAVTTWNTYLRYITVHKSLIFVLIWCLVIFLAEVAASLVV
LWLLGNTPLQDKGNSTHSRNNSYAVIITSTSSYYVFYIYVGVADTLLAMGFFRGLPLVHTLITVSKILHHKMLHSVLQAP
MSTLNTLKAGGILNRFSKDIAILDDLLPLTIFDFIQLLLIVIGAIAVVAVLQPYIFVATVPVIVAFIMLRAYFLQTSQQL
KQLESEGRSPIFTHLVTSLKGLWTLRAFGRQPYFETLFHKALNLHTANWFLYLSTLRWFQMRIEMIFVIFFIAVTFISIL
TTGEGEGRVGIILTLAMNIMSTLQWAVNSSIDVDSLMRSVSRVFKFIDMPTEGKPTKSTKPYKNGQLSKVMIIENSHVKK
DDIWPSGGQMTVKDLTAKYTEGGNAILENISFSISPGQRVGLLGRTGSGKSTLLSAFLRLLNTEGEIQIDGVSWDSITLQ
QWRKAFGVIPQKVFIFSGTFRKNLDPYEQWSDQEIWKVADEVGLRSVIEQFPGKLDFVLVDGGCVLSHGHKQLMCLARSV
LSKAKILLLDQPSAHLDPVTYQIIRRTLKQAFADCTVILCEHRIEAMLECQQFLVIEENKVRQYDSIQKLLNERSLFRQA
ISPSDRVKLFPHRNSSKCKSKPQIAALKEETEEEVQDTRL
;
_entity_poly.pdbx_strand_id   A
#
# COMPACT_ATOMS: atom_id res chain seq x y z
N MET A 1 -14.69 10.85 22.23
CA MET A 1 -15.25 10.83 20.85
C MET A 1 -16.71 11.31 20.91
N GLN A 2 -16.92 12.63 20.84
CA GLN A 2 -18.28 13.21 20.95
C GLN A 2 -19.09 12.83 19.71
N ARG A 3 -20.38 12.54 19.88
CA ARG A 3 -21.25 12.24 18.75
C ARG A 3 -21.20 13.38 17.73
N SER A 4 -21.43 13.03 16.47
CA SER A 4 -21.30 14.00 15.40
C SER A 4 -22.29 15.15 15.62
N PRO A 5 -21.85 16.40 15.48
CA PRO A 5 -22.80 17.52 15.61
C PRO A 5 -23.80 17.60 14.48
N LEU A 6 -23.53 16.94 13.36
CA LEU A 6 -24.46 16.92 12.25
C LEU A 6 -25.78 16.27 12.65
N GLU A 7 -25.76 15.46 13.70
CA GLU A 7 -26.97 14.73 14.15
C GLU A 7 -28.04 15.72 14.65
N LYS A 8 -27.65 16.69 15.47
CA LYS A 8 -28.60 17.64 16.06
C LYS A 8 -28.40 19.03 15.47
N ALA A 9 -28.17 19.07 14.16
CA ALA A 9 -28.02 20.33 13.44
C ALA A 9 -29.35 20.70 12.79
N SER A 10 -29.71 21.99 12.87
CA SER A 10 -30.97 22.47 12.32
C SER A 10 -30.94 22.46 10.80
N VAL A 11 -32.06 22.77 10.17
CA VAL A 11 -32.15 22.69 8.72
C VAL A 11 -31.24 23.72 8.05
N VAL A 12 -31.27 24.96 8.56
CA VAL A 12 -30.42 26.04 8.01
C VAL A 12 -28.95 25.74 8.30
N SER A 13 -28.66 25.18 9.49
CA SER A 13 -27.29 24.83 9.84
C SER A 13 -26.74 23.75 8.92
N LYS A 14 -27.56 22.76 8.58
CA LYS A 14 -27.11 21.75 7.61
C LYS A 14 -27.00 22.36 6.22
N LEU A 15 -27.89 23.30 5.88
CA LEU A 15 -27.86 23.90 4.55
C LEU A 15 -26.58 24.67 4.30
N PHE A 16 -26.17 25.49 5.27
CA PHE A 16 -25.00 26.34 5.09
C PHE A 16 -23.72 25.77 5.70
N PHE A 17 -23.75 24.51 6.14
CA PHE A 17 -22.57 23.82 6.68
C PHE A 17 -21.94 24.61 7.82
N SER A 18 -22.78 25.22 8.65
CA SER A 18 -22.27 26.07 9.72
C SER A 18 -21.92 25.29 10.98
N TRP A 19 -22.11 23.96 10.94
CA TRP A 19 -21.79 23.10 12.11
C TRP A 19 -20.29 22.79 12.11
N THR A 20 -19.58 23.21 11.07
CA THR A 20 -18.11 22.95 10.96
C THR A 20 -17.33 24.10 11.58
N ARG A 21 -18.02 25.16 12.04
CA ARG A 21 -17.30 26.36 12.57
C ARG A 21 -16.46 26.05 13.81
N PRO A 22 -16.90 25.26 14.83
CA PRO A 22 -16.05 24.93 15.97
C PRO A 22 -14.70 24.29 15.60
N ILE A 23 -14.72 23.18 14.85
CA ILE A 23 -13.47 22.47 14.45
C ILE A 23 -12.56 23.45 13.69
N LEU A 24 -13.14 24.37 12.92
CA LEU A 24 -12.30 25.37 12.25
C LEU A 24 -11.64 26.31 13.24
N ARG A 25 -12.37 26.79 14.25
CA ARG A 25 -11.79 27.69 15.26
C ARG A 25 -10.66 26.99 16.02
N LYS A 26 -10.93 25.79 16.52
CA LYS A 26 -9.94 25.06 17.30
C LYS A 26 -8.69 24.78 16.47
N GLY A 27 -8.87 24.36 15.22
CA GLY A 27 -7.73 24.10 14.37
C GLY A 27 -6.93 25.34 14.03
N TYR A 28 -7.63 26.47 13.88
CA TYR A 28 -6.94 27.74 13.56
C TYR A 28 -6.02 28.13 14.71
N ARG A 29 -6.46 28.02 15.96
CA ARG A 29 -5.62 28.52 17.09
C ARG A 29 -4.60 27.48 17.57
N GLN A 30 -5.01 26.21 17.72
CA GLN A 30 -4.10 25.24 18.34
C GLN A 30 -3.90 24.03 17.43
N ARG A 31 -2.92 23.21 17.80
CA ARG A 31 -2.75 21.92 17.14
C ARG A 31 -3.85 20.97 17.60
N LEU A 32 -4.50 20.31 16.63
CA LEU A 32 -5.66 19.49 16.93
C LEU A 32 -5.30 18.35 17.87
N GLU A 33 -6.11 18.17 18.90
CA GLU A 33 -5.99 17.06 19.83
C GLU A 33 -6.97 15.95 19.45
N LEU A 34 -6.78 14.77 20.05
CA LEU A 34 -7.62 13.59 19.73
C LEU A 34 -9.08 13.90 20.06
N SER A 35 -9.32 14.53 21.21
CA SER A 35 -10.70 14.83 21.65
C SER A 35 -11.44 15.70 20.63
N ASP A 36 -10.74 16.25 19.64
CA ASP A 36 -11.38 17.18 18.66
C ASP A 36 -12.08 16.40 17.55
N ILE A 37 -11.83 15.09 17.45
CA ILE A 37 -12.43 14.27 16.41
C ILE A 37 -13.80 13.79 16.88
N TYR A 38 -14.75 13.70 15.94
CA TYR A 38 -16.14 13.33 16.32
C TYR A 38 -16.48 11.98 15.74
N GLN A 39 -17.36 11.24 16.37
CA GLN A 39 -17.79 9.93 15.92
C GLN A 39 -18.45 10.02 14.55
N ILE A 40 -18.28 8.97 13.75
CA ILE A 40 -18.86 8.93 12.41
C ILE A 40 -20.38 8.83 12.56
N PRO A 41 -21.15 9.29 11.58
CA PRO A 41 -22.60 9.12 11.66
C PRO A 41 -22.98 7.65 11.63
N SER A 42 -24.12 7.34 12.25
CA SER A 42 -24.58 5.96 12.32
C SER A 42 -24.98 5.39 10.96
N VAL A 43 -25.07 6.23 9.93
CA VAL A 43 -25.37 5.75 8.59
C VAL A 43 -24.11 5.21 7.93
N ASP A 44 -22.94 5.76 8.25
CA ASP A 44 -21.68 5.45 7.61
C ASP A 44 -20.97 4.23 8.18
N SER A 45 -21.64 3.47 9.04
CA SER A 45 -21.00 2.31 9.67
C SER A 45 -20.81 1.18 8.67
N ALA A 46 -19.59 0.62 8.68
CA ALA A 46 -19.24 -0.46 7.76
C ALA A 46 -20.08 -1.70 7.96
N ASP A 47 -20.40 -2.04 9.21
CA ASP A 47 -21.20 -3.26 9.50
C ASP A 47 -22.54 -3.18 8.76
N ASN A 48 -23.31 -2.11 8.98
CA ASN A 48 -24.62 -1.95 8.35
C ASN A 48 -24.51 -1.79 6.84
N LEU A 49 -23.53 -1.03 6.35
CA LEU A 49 -23.39 -0.83 4.91
C LEU A 49 -23.13 -2.15 4.20
N SER A 50 -22.15 -2.91 4.68
CA SER A 50 -21.86 -4.21 4.09
C SER A 50 -23.00 -5.20 4.23
N GLU A 51 -23.76 -5.15 5.33
CA GLU A 51 -24.90 -6.04 5.46
C GLU A 51 -25.96 -5.76 4.41
N LYS A 52 -26.26 -4.49 4.15
CA LYS A 52 -27.22 -4.15 3.09
C LYS A 52 -26.72 -4.60 1.72
N LEU A 53 -25.47 -4.27 1.39
CA LEU A 53 -24.98 -4.65 0.06
C LEU A 53 -24.87 -6.15 -0.09
N GLU A 54 -24.54 -6.87 0.97
CA GLU A 54 -24.48 -8.32 0.91
C GLU A 54 -25.85 -8.93 0.68
N ARG A 55 -26.90 -8.37 1.31
CA ARG A 55 -28.24 -8.86 1.00
C ARG A 55 -28.57 -8.67 -0.48
N GLU A 56 -28.32 -7.48 -1.02
CA GLU A 56 -28.67 -7.26 -2.42
C GLU A 56 -27.85 -8.13 -3.38
N TRP A 57 -26.55 -8.29 -3.14
CA TRP A 57 -25.71 -9.10 -4.01
C TRP A 57 -26.04 -10.59 -3.89
N ASP A 58 -26.37 -11.07 -2.69
CA ASP A 58 -26.78 -12.46 -2.53
C ASP A 58 -28.10 -12.74 -3.23
N ARG A 59 -29.04 -11.79 -3.21
CA ARG A 59 -30.25 -11.96 -4.01
C ARG A 59 -29.95 -12.00 -5.50
N GLU A 60 -29.06 -11.12 -5.97
CA GLU A 60 -28.72 -11.06 -7.43
C GLU A 60 -28.06 -12.37 -7.87
N LEU A 61 -27.13 -12.91 -7.08
CA LEU A 61 -26.42 -14.12 -7.49
C LEU A 61 -27.38 -15.26 -7.76
N ALA A 62 -28.24 -15.58 -6.80
CA ALA A 62 -29.14 -16.71 -6.95
C ALA A 62 -30.21 -16.43 -7.99
N SER A 63 -30.66 -15.18 -8.09
CA SER A 63 -31.81 -14.90 -8.95
C SER A 63 -31.44 -14.92 -10.43
N LYS A 64 -30.29 -14.36 -10.80
CA LYS A 64 -30.03 -14.17 -12.22
C LYS A 64 -29.08 -15.23 -12.78
N LYS A 65 -29.18 -15.44 -14.09
CA LYS A 65 -28.22 -16.25 -14.83
C LYS A 65 -26.96 -15.47 -15.20
N ASN A 66 -27.04 -14.14 -15.21
CA ASN A 66 -25.90 -13.27 -15.47
C ASN A 66 -25.80 -12.23 -14.37
N PRO A 67 -25.38 -12.63 -13.18
CA PRO A 67 -25.26 -11.67 -12.07
C PRO A 67 -24.30 -10.54 -12.41
N LYS A 68 -24.71 -9.32 -12.08
CA LYS A 68 -23.86 -8.14 -12.21
C LYS A 68 -23.99 -7.30 -10.94
N LEU A 69 -22.84 -6.84 -10.44
CA LEU A 69 -22.81 -6.04 -9.21
C LEU A 69 -23.43 -4.67 -9.40
N ILE A 70 -23.48 -4.17 -10.64
CA ILE A 70 -24.09 -2.89 -10.92
C ILE A 70 -25.58 -2.88 -10.60
N ASN A 71 -26.26 -4.01 -10.76
CA ASN A 71 -27.68 -4.09 -10.39
C ASN A 71 -27.89 -3.97 -8.88
N ALA A 72 -27.05 -4.62 -8.08
CA ALA A 72 -27.14 -4.47 -6.63
C ALA A 72 -26.82 -3.05 -6.20
N LEU A 73 -25.79 -2.44 -6.79
CA LEU A 73 -25.49 -1.04 -6.48
C LEU A 73 -26.63 -0.12 -6.90
N ARG A 74 -27.28 -0.41 -8.03
CA ARG A 74 -28.46 0.34 -8.44
C ARG A 74 -29.55 0.25 -7.38
N ARG A 75 -29.89 -0.98 -6.99
CA ARG A 75 -30.93 -1.18 -5.97
C ARG A 75 -30.56 -0.57 -4.63
N CYS A 76 -29.32 -0.32 -4.29
CA CYS A 76 -29.08 0.31 -2.96
C CYS A 76 -29.11 1.83 -3.04
N PHE A 77 -28.68 2.45 -4.17
CA PHE A 77 -28.54 3.94 -4.18
C PHE A 77 -29.11 4.66 -5.42
N PHE A 78 -29.92 4.01 -6.26
CA PHE A 78 -30.36 4.66 -7.53
C PHE A 78 -31.16 5.94 -7.29
N TRP A 79 -32.10 5.95 -6.34
CA TRP A 79 -33.00 7.10 -6.17
C TRP A 79 -32.32 8.30 -5.52
N ARG A 80 -31.40 8.11 -4.59
CA ARG A 80 -30.62 9.22 -4.07
C ARG A 80 -29.72 9.83 -5.15
N PHE A 81 -29.10 8.98 -5.97
CA PHE A 81 -28.29 9.48 -7.08
C PHE A 81 -29.11 10.43 -7.97
N MET A 82 -30.29 9.97 -8.39
CA MET A 82 -31.12 10.80 -9.28
C MET A 82 -31.63 12.05 -8.56
N PHE A 83 -31.99 11.89 -7.28
CA PHE A 83 -32.48 13.03 -6.49
C PHE A 83 -31.46 14.16 -6.58
N TYR A 84 -30.18 13.85 -6.31
CA TYR A 84 -29.18 14.92 -6.33
C TYR A 84 -28.90 15.41 -7.75
N GLY A 85 -28.97 14.53 -8.75
CA GLY A 85 -28.78 14.98 -10.12
C GLY A 85 -29.79 16.01 -10.58
N ILE A 86 -31.03 15.90 -10.09
CA ILE A 86 -32.10 16.86 -10.49
C ILE A 86 -31.67 18.28 -10.11
N PHE A 87 -31.27 18.47 -8.84
CA PHE A 87 -30.88 19.80 -8.37
C PHE A 87 -29.58 20.27 -9.01
N LEU A 88 -28.67 19.36 -9.30
CA LEU A 88 -27.49 19.72 -10.08
C LEU A 88 -27.87 20.35 -11.42
N TYR A 89 -28.78 19.73 -12.16
CA TYR A 89 -29.20 20.29 -13.44
C TYR A 89 -29.88 21.65 -13.26
N LEU A 90 -30.75 21.74 -12.26
CA LEU A 90 -31.44 23.01 -12.00
C LEU A 90 -30.44 24.14 -11.79
N GLY A 91 -29.37 23.86 -11.06
CA GLY A 91 -28.38 24.91 -10.82
C GLY A 91 -27.50 25.19 -12.02
N GLU A 92 -27.32 24.19 -12.91
CA GLU A 92 -26.54 24.46 -14.12
C GLU A 92 -27.29 25.34 -15.12
N VAL A 93 -28.63 25.32 -15.11
CA VAL A 93 -29.38 26.18 -16.05
C VAL A 93 -29.13 27.68 -15.77
N THR A 94 -28.89 28.03 -14.50
CA THR A 94 -28.64 29.43 -14.15
C THR A 94 -27.40 29.96 -14.85
N LYS A 95 -26.37 29.13 -15.01
CA LYS A 95 -25.17 29.54 -15.71
C LYS A 95 -25.45 29.82 -17.19
N ALA A 96 -26.57 29.33 -17.71
CA ALA A 96 -26.86 29.49 -19.15
C ALA A 96 -27.78 30.70 -19.38
N VAL A 97 -28.74 30.93 -18.48
CA VAL A 97 -29.67 32.10 -18.58
C VAL A 97 -28.92 33.41 -18.25
N GLN A 98 -27.84 33.36 -17.48
CA GLN A 98 -27.15 34.61 -17.05
C GLN A 98 -26.65 35.39 -18.28
N PRO A 99 -25.95 34.81 -19.30
CA PRO A 99 -25.53 35.60 -20.46
C PRO A 99 -26.70 36.30 -21.17
N LEU A 100 -27.85 35.62 -21.27
CA LEU A 100 -29.05 36.26 -21.88
C LEU A 100 -29.33 37.60 -21.19
N LEU A 101 -29.44 37.61 -19.87
CA LEU A 101 -29.71 38.85 -19.14
C LEU A 101 -28.64 39.90 -19.38
N LEU A 102 -27.37 39.49 -19.45
CA LEU A 102 -26.25 40.44 -19.68
C LEU A 102 -26.42 41.08 -21.05
N GLY A 103 -26.77 40.30 -22.08
CA GLY A 103 -26.97 40.86 -23.41
C GLY A 103 -28.14 41.83 -23.46
N ARG A 104 -29.22 41.54 -22.72
CA ARG A 104 -30.32 42.48 -22.66
C ARG A 104 -29.89 43.79 -22.02
N ILE A 105 -29.11 43.73 -20.94
CA ILE A 105 -28.58 44.95 -20.34
C ILE A 105 -27.73 45.71 -21.34
N ILE A 106 -26.84 45.01 -22.06
CA ILE A 106 -25.92 45.69 -23.01
C ILE A 106 -26.75 46.38 -24.10
N ALA A 107 -27.75 45.69 -24.65
CA ALA A 107 -28.56 46.29 -25.70
C ALA A 107 -29.36 47.49 -25.19
N SER A 108 -29.87 47.41 -23.96
CA SER A 108 -30.63 48.53 -23.41
C SER A 108 -29.78 49.78 -23.24
N TYR A 109 -28.47 49.62 -23.09
CA TYR A 109 -27.58 50.77 -22.96
C TYR A 109 -27.01 51.17 -24.32
N SER A 118 -35.28 52.67 -16.83
CA SER A 118 -36.04 52.05 -15.75
C SER A 118 -36.03 50.53 -15.87
N ILE A 119 -35.82 50.04 -17.10
CA ILE A 119 -35.79 48.60 -17.32
C ILE A 119 -34.51 47.98 -16.78
N ALA A 120 -33.41 48.74 -16.74
CA ALA A 120 -32.13 48.16 -16.35
C ALA A 120 -32.03 47.89 -14.86
N ILE A 121 -32.80 48.59 -14.02
CA ILE A 121 -32.78 48.29 -12.59
C ILE A 121 -33.45 46.96 -12.33
N TYR A 122 -34.57 46.67 -13.00
CA TYR A 122 -35.21 45.37 -12.86
C TYR A 122 -34.32 44.26 -13.38
N LEU A 123 -33.66 44.51 -14.51
CA LEU A 123 -32.75 43.50 -15.07
C LEU A 123 -31.60 43.20 -14.12
N GLY A 124 -31.06 44.24 -13.47
CA GLY A 124 -29.97 44.01 -12.54
C GLY A 124 -30.40 43.24 -11.31
N ILE A 125 -31.60 43.53 -10.80
CA ILE A 125 -32.10 42.80 -9.64
C ILE A 125 -32.28 41.32 -9.97
N GLY A 126 -32.85 41.01 -11.13
CA GLY A 126 -33.04 39.63 -11.51
C GLY A 126 -31.73 38.89 -11.74
N LEU A 127 -30.76 39.57 -12.35
CA LEU A 127 -29.43 38.97 -12.52
C LEU A 127 -28.78 38.70 -11.17
N CYS A 128 -28.91 39.64 -10.23
CA CYS A 128 -28.34 39.45 -8.91
C CYS A 128 -29.03 38.33 -8.14
N LEU A 129 -30.30 38.08 -8.43
CA LEU A 129 -31.04 37.01 -7.77
C LEU A 129 -30.66 35.63 -8.29
N LEU A 130 -30.21 35.54 -9.55
CA LEU A 130 -29.78 34.26 -10.10
C LEU A 130 -28.58 33.71 -9.33
N PHE A 131 -27.70 34.60 -8.87
CA PHE A 131 -26.48 34.16 -8.14
C PHE A 131 -26.88 33.45 -6.85
N ILE A 132 -27.88 33.94 -6.15
CA ILE A 132 -28.26 33.39 -4.86
C ILE A 132 -28.77 31.97 -5.04
N VAL A 133 -29.62 31.76 -6.03
CA VAL A 133 -30.21 30.43 -6.25
C VAL A 133 -29.14 29.43 -6.65
N ARG A 134 -28.19 29.85 -7.49
CA ARG A 134 -27.14 28.95 -7.94
C ARG A 134 -26.31 28.43 -6.78
N THR A 135 -26.11 29.27 -5.75
CA THR A 135 -25.31 28.84 -4.61
C THR A 135 -26.04 27.81 -3.76
N LEU A 136 -27.35 28.00 -3.55
CA LEU A 136 -28.12 27.10 -2.70
C LEU A 136 -28.53 25.82 -3.41
N LEU A 137 -28.26 25.70 -4.71
CA LEU A 137 -28.61 24.51 -5.48
C LEU A 137 -27.42 23.60 -5.76
N LEU A 138 -26.23 24.18 -5.95
CA LEU A 138 -25.08 23.35 -6.36
C LEU A 138 -24.31 22.77 -5.16
N HIS A 139 -23.95 23.60 -4.17
CA HIS A 139 -23.11 23.10 -3.09
C HIS A 139 -23.79 22.01 -2.28
N PRO A 140 -25.04 22.15 -1.83
CA PRO A 140 -25.68 21.04 -1.12
C PRO A 140 -25.83 19.76 -1.96
N ALA A 141 -26.01 19.88 -3.27
CA ALA A 141 -26.15 18.70 -4.10
C ALA A 141 -24.80 18.01 -4.33
N ILE A 142 -23.74 18.79 -4.50
CA ILE A 142 -22.42 18.20 -4.74
C ILE A 142 -21.96 17.42 -3.52
N PHE A 143 -22.24 17.91 -2.31
CA PHE A 143 -21.87 17.20 -1.10
C PHE A 143 -22.68 15.92 -0.92
N GLY A 144 -23.95 15.94 -1.31
CA GLY A 144 -24.74 14.71 -1.26
C GLY A 144 -24.22 13.64 -2.19
N LEU A 145 -23.60 14.05 -3.30
CA LEU A 145 -23.04 13.07 -4.27
C LEU A 145 -21.75 12.47 -3.69
N HIS A 146 -20.93 13.29 -3.03
CA HIS A 146 -19.68 12.79 -2.39
C HIS A 146 -20.02 11.81 -1.27
N HIS A 147 -21.15 12.02 -0.59
CA HIS A 147 -21.59 11.10 0.49
C HIS A 147 -21.97 9.74 -0.09
N ILE A 148 -22.71 9.73 -1.21
CA ILE A 148 -23.11 8.45 -1.86
C ILE A 148 -21.85 7.70 -2.29
N GLY A 149 -20.88 8.41 -2.89
CA GLY A 149 -19.64 7.77 -3.36
C GLY A 149 -18.86 7.14 -2.21
N MET A 150 -18.81 7.84 -1.06
CA MET A 150 -18.11 7.32 0.13
C MET A 150 -18.78 6.02 0.59
N GLN A 151 -20.12 6.01 0.66
CA GLN A 151 -20.83 4.84 1.16
C GLN A 151 -20.69 3.66 0.21
N MET A 152 -20.62 3.91 -1.10
CA MET A 152 -20.40 2.84 -2.06
C MET A 152 -19.04 2.20 -1.90
N ARG A 153 -18.01 3.01 -1.62
CA ARG A 153 -16.66 2.48 -1.51
C ARG A 153 -16.48 1.65 -0.24
N ILE A 154 -17.12 2.05 0.86
CA ILE A 154 -17.03 1.30 2.10
C ILE A 154 -17.63 -0.09 1.93
N ALA A 155 -18.84 -0.15 1.37
CA ALA A 155 -19.53 -1.43 1.23
C ALA A 155 -18.77 -2.37 0.30
N MET A 156 -18.14 -1.83 -0.75
CA MET A 156 -17.37 -2.68 -1.66
C MET A 156 -16.09 -3.19 -1.02
N PHE A 157 -15.44 -2.37 -0.17
CA PHE A 157 -14.24 -2.82 0.53
C PHE A 157 -14.55 -3.93 1.51
N SER A 158 -15.72 -3.86 2.17
CA SER A 158 -16.09 -4.88 3.13
C SER A 158 -16.39 -6.22 2.45
N LEU A 159 -17.05 -6.18 1.28
CA LEU A 159 -17.34 -7.40 0.55
C LEU A 159 -16.06 -8.06 0.05
N ILE A 160 -15.07 -7.27 -0.35
CA ILE A 160 -13.80 -7.81 -0.83
C ILE A 160 -13.10 -8.57 0.29
N TYR A 161 -13.04 -7.99 1.49
CA TYR A 161 -12.31 -8.62 2.58
C TYR A 161 -12.97 -9.94 3.01
N LYS A 162 -14.30 -9.97 3.06
CA LYS A 162 -14.99 -11.20 3.45
C LYS A 162 -14.74 -12.31 2.44
N LYS A 163 -14.55 -11.97 1.17
CA LYS A 163 -14.24 -12.97 0.16
C LYS A 163 -12.83 -13.49 0.30
N THR A 164 -11.91 -12.64 0.74
CA THR A 164 -10.49 -13.02 0.82
C THR A 164 -10.29 -14.18 1.78
N LEU A 165 -11.02 -14.20 2.89
CA LEU A 165 -10.88 -15.26 3.88
C LEU A 165 -11.49 -16.59 3.44
N LYS A 166 -12.20 -16.62 2.31
CA LYS A 166 -12.84 -17.83 1.83
C LYS A 166 -12.17 -18.39 0.58
N LEU A 167 -11.06 -17.81 0.13
CA LEU A 167 -10.41 -18.23 -1.10
C LEU A 167 -9.82 -19.63 -0.98
N SER A 168 -9.72 -20.31 -2.12
CA SER A 168 -9.15 -21.65 -2.15
C SER A 168 -7.63 -21.59 -2.10
N SER A 169 -7.02 -22.71 -1.71
CA SER A 169 -5.53 -22.79 -1.64
C SER A 169 -4.94 -22.75 -3.05
N ARG A 170 -5.63 -23.35 -4.03
CA ARG A 170 -5.08 -23.39 -5.38
C ARG A 170 -5.12 -22.03 -6.05
N VAL A 171 -6.15 -21.23 -5.76
CA VAL A 171 -6.25 -19.90 -6.36
C VAL A 171 -5.49 -18.86 -5.55
N LEU A 172 -5.18 -19.17 -4.28
CA LEU A 172 -4.39 -18.26 -3.46
C LEU A 172 -3.03 -18.00 -4.07
N ASP A 173 -2.43 -19.05 -4.65
CA ASP A 173 -1.05 -18.97 -5.14
C ASP A 173 -0.88 -17.88 -6.20
N LYS A 174 -1.91 -17.66 -7.02
CA LYS A 174 -1.82 -16.70 -8.12
C LYS A 174 -2.12 -15.27 -7.70
N ILE A 175 -2.90 -15.08 -6.64
CA ILE A 175 -3.25 -13.75 -6.18
C ILE A 175 -2.14 -13.24 -5.26
N SER A 176 -1.61 -12.08 -5.56
CA SER A 176 -0.52 -11.52 -4.78
C SER A 176 -0.97 -10.31 -3.97
N ILE A 177 -0.23 -10.04 -2.90
CA ILE A 177 -0.49 -8.89 -2.05
C ILE A 177 -0.29 -7.60 -2.83
N GLY A 178 0.59 -7.57 -3.82
CA GLY A 178 0.70 -6.40 -4.67
C GLY A 178 -0.58 -6.07 -5.41
N GLN A 179 -1.20 -7.08 -6.03
CA GLN A 179 -2.48 -6.89 -6.70
C GLN A 179 -3.58 -6.50 -5.72
N LEU A 180 -3.63 -7.17 -4.56
CA LEU A 180 -4.65 -6.85 -3.56
C LEU A 180 -4.54 -5.40 -3.09
N VAL A 181 -3.31 -4.94 -2.81
CA VAL A 181 -3.15 -3.58 -2.30
C VAL A 181 -3.36 -2.54 -3.40
N SER A 182 -2.95 -2.83 -4.64
CA SER A 182 -3.17 -1.90 -5.74
C SER A 182 -4.66 -1.71 -6.01
N LEU A 183 -5.46 -2.77 -5.92
CA LEU A 183 -6.91 -2.63 -6.09
C LEU A 183 -7.47 -1.54 -5.18
N LEU A 184 -7.29 -1.68 -3.87
CA LEU A 184 -7.83 -0.72 -2.91
C LEU A 184 -7.22 0.67 -3.10
N SER A 185 -5.91 0.73 -3.34
CA SER A 185 -5.22 2.03 -3.42
C SER A 185 -5.81 2.91 -4.54
N ASN A 186 -6.14 2.32 -5.70
CA ASN A 186 -6.62 3.14 -6.84
C ASN A 186 -7.93 3.86 -6.51
N ASN A 187 -8.87 3.20 -5.82
CA ASN A 187 -10.20 3.81 -5.59
C ASN A 187 -10.34 4.36 -4.17
N LEU A 188 -9.24 4.42 -3.41
CA LEU A 188 -9.29 4.83 -1.98
C LEU A 188 -9.97 6.19 -1.84
N ASN A 189 -9.47 7.19 -2.57
CA ASN A 189 -10.07 8.55 -2.48
C ASN A 189 -10.68 8.97 -3.83
N LYS A 190 -10.34 8.29 -4.92
CA LYS A 190 -10.83 8.67 -6.28
C LYS A 190 -12.31 8.34 -6.43
N PHE A 191 -12.71 7.09 -6.13
CA PHE A 191 -14.12 6.67 -6.34
C PHE A 191 -15.08 7.62 -5.62
N ASP A 192 -14.76 8.08 -4.43
CA ASP A 192 -15.70 8.94 -3.66
C ASP A 192 -16.06 10.21 -4.44
N GLU A 193 -15.04 10.93 -4.93
CA GLU A 193 -15.27 12.21 -5.59
C GLU A 193 -15.60 12.09 -7.07
N GLY A 194 -15.50 10.89 -7.65
CA GLY A 194 -15.96 10.73 -9.03
C GLY A 194 -17.45 10.88 -9.21
N LEU A 195 -18.23 10.77 -8.12
CA LEU A 195 -19.69 10.77 -8.24
C LEU A 195 -20.21 12.12 -8.73
N ALA A 196 -19.54 13.21 -8.37
CA ALA A 196 -20.06 14.54 -8.69
C ALA A 196 -20.02 14.82 -10.19
N LEU A 197 -19.07 14.25 -10.92
CA LEU A 197 -18.91 14.51 -12.34
C LEU A 197 -19.75 13.60 -13.23
N ALA A 198 -20.47 12.63 -12.66
CA ALA A 198 -21.11 11.60 -13.47
C ALA A 198 -22.34 12.13 -14.21
N HIS A 199 -23.14 13.00 -13.57
CA HIS A 199 -24.41 13.44 -14.16
C HIS A 199 -24.22 14.30 -15.39
N PHE A 200 -23.02 14.85 -15.59
CA PHE A 200 -22.82 15.72 -16.74
C PHE A 200 -22.89 14.98 -18.05
N VAL A 201 -22.83 13.64 -18.03
CA VAL A 201 -22.96 12.84 -19.25
C VAL A 201 -24.30 13.11 -19.94
N TRP A 202 -25.35 13.39 -19.15
CA TRP A 202 -26.62 13.80 -19.72
C TRP A 202 -26.94 15.27 -19.50
N ILE A 203 -26.28 15.93 -18.56
CA ILE A 203 -26.54 17.35 -18.36
C ILE A 203 -25.95 18.18 -19.51
N ALA A 204 -24.75 17.83 -19.96
CA ALA A 204 -24.08 18.63 -20.99
C ALA A 204 -24.83 18.68 -22.32
N PRO A 205 -25.37 17.58 -22.85
CA PRO A 205 -26.16 17.71 -24.10
C PRO A 205 -27.35 18.65 -23.99
N LEU A 206 -28.04 18.65 -22.85
CA LEU A 206 -29.18 19.56 -22.69
C LEU A 206 -28.73 21.01 -22.63
N GLN A 207 -27.59 21.27 -21.97
CA GLN A 207 -27.03 22.62 -21.99
C GLN A 207 -26.65 23.02 -23.40
N VAL A 208 -26.13 22.08 -24.20
CA VAL A 208 -25.79 22.38 -25.58
C VAL A 208 -27.04 22.77 -26.36
N ALA A 209 -28.14 22.02 -26.18
CA ALA A 209 -29.37 22.35 -26.90
C ALA A 209 -29.90 23.73 -26.51
N LEU A 210 -29.97 24.00 -25.21
CA LEU A 210 -30.46 25.31 -24.75
C LEU A 210 -29.60 26.45 -25.27
N LEU A 211 -28.27 26.29 -25.17
CA LEU A 211 -27.35 27.32 -25.64
C LEU A 211 -27.44 27.50 -27.15
N MET A 212 -27.65 26.42 -27.89
CA MET A 212 -27.81 26.52 -29.34
C MET A 212 -29.06 27.31 -29.71
N GLY A 213 -30.17 27.07 -29.01
CA GLY A 213 -31.34 27.90 -29.23
C GLY A 213 -31.10 29.37 -28.93
N LEU A 214 -30.43 29.65 -27.81
CA LEU A 214 -30.17 31.04 -27.45
C LEU A 214 -29.18 31.72 -28.40
N ILE A 215 -28.28 30.97 -29.02
CA ILE A 215 -27.36 31.57 -29.99
C ILE A 215 -28.02 31.73 -31.36
N TRP A 216 -28.92 30.81 -31.73
CA TRP A 216 -29.76 31.03 -32.90
C TRP A 216 -30.58 32.30 -32.75
N GLU A 217 -30.96 32.64 -31.52
CA GLU A 217 -31.70 33.90 -31.28
C GLU A 217 -30.94 35.07 -31.92
N LEU A 218 -29.60 34.98 -32.02
CA LEU A 218 -28.82 36.10 -32.52
C LEU A 218 -28.27 35.87 -33.92
N LEU A 219 -27.59 34.76 -34.16
CA LEU A 219 -26.85 34.60 -35.41
C LEU A 219 -27.56 33.71 -36.42
N GLN A 220 -28.78 33.25 -36.12
CA GLN A 220 -29.57 32.40 -37.01
C GLN A 220 -28.78 31.11 -37.24
N ALA A 221 -28.66 30.63 -38.48
CA ALA A 221 -28.02 29.35 -38.74
C ALA A 221 -26.49 29.43 -38.77
N SER A 222 -25.92 30.60 -38.54
CA SER A 222 -24.47 30.74 -38.57
C SER A 222 -23.78 30.06 -37.39
N ALA A 223 -24.51 29.79 -36.32
CA ALA A 223 -23.92 29.16 -35.14
C ALA A 223 -23.54 27.70 -35.39
N PHE A 224 -24.08 27.09 -36.44
CA PHE A 224 -23.79 25.69 -36.71
C PHE A 224 -22.37 25.45 -37.15
N CYS A 225 -21.65 26.48 -37.60
CA CYS A 225 -20.23 26.33 -37.89
C CYS A 225 -19.40 26.15 -36.61
N GLY A 226 -19.64 27.00 -35.61
CA GLY A 226 -19.02 26.78 -34.31
C GLY A 226 -19.43 25.48 -33.67
N LEU A 227 -20.69 25.09 -33.88
CA LEU A 227 -21.13 23.78 -33.39
C LEU A 227 -20.36 22.65 -34.05
N GLY A 228 -20.14 22.73 -35.36
CA GLY A 228 -19.37 21.69 -36.03
C GLY A 228 -17.92 21.66 -35.59
N PHE A 229 -17.33 22.84 -35.38
CA PHE A 229 -15.96 22.90 -34.87
C PHE A 229 -15.87 22.22 -33.50
N LEU A 230 -16.82 22.50 -32.61
CA LEU A 230 -16.83 21.84 -31.30
C LEU A 230 -17.09 20.34 -31.40
N ILE A 231 -17.91 19.89 -32.36
CA ILE A 231 -18.12 18.46 -32.55
C ILE A 231 -16.83 17.76 -32.99
N VAL A 232 -16.10 18.36 -33.92
CA VAL A 232 -14.82 17.78 -34.34
C VAL A 232 -13.84 17.74 -33.16
N LEU A 233 -13.85 18.79 -32.34
CA LEU A 233 -12.96 18.83 -31.14
C LEU A 233 -13.35 17.72 -30.17
N ALA A 234 -14.65 17.44 -30.01
CA ALA A 234 -15.12 16.38 -29.14
C ALA A 234 -14.71 14.99 -29.66
N LEU A 235 -14.81 14.76 -30.97
CA LEU A 235 -14.33 13.48 -31.50
C LEU A 235 -12.84 13.31 -31.28
N PHE A 236 -12.07 14.39 -31.44
CA PHE A 236 -10.63 14.35 -31.17
C PHE A 236 -10.35 13.97 -29.71
N GLN A 237 -11.09 14.57 -28.77
CA GLN A 237 -10.88 14.26 -27.36
C GLN A 237 -11.30 12.84 -27.01
N ALA A 238 -12.34 12.31 -27.68
CA ALA A 238 -12.69 10.91 -27.48
C ALA A 238 -11.54 9.99 -27.91
N GLY A 239 -10.95 10.27 -29.08
CA GLY A 239 -9.78 9.51 -29.48
C GLY A 239 -8.63 9.61 -28.50
N LEU A 240 -8.41 10.81 -27.95
CA LEU A 240 -7.35 10.99 -26.95
C LEU A 240 -7.59 10.13 -25.71
N GLY A 241 -8.83 10.11 -25.21
CA GLY A 241 -9.13 9.30 -24.04
C GLY A 241 -8.96 7.81 -24.31
N ARG A 242 -9.39 7.36 -25.49
CA ARG A 242 -9.19 5.97 -25.88
C ARG A 242 -7.70 5.63 -25.88
N MET A 243 -6.86 6.52 -26.40
CA MET A 243 -5.42 6.28 -26.38
C MET A 243 -4.88 6.27 -24.95
N MET A 244 -5.40 7.14 -24.08
CA MET A 244 -4.91 7.21 -22.71
C MET A 244 -5.19 5.93 -21.94
N MET A 245 -6.37 5.34 -22.12
CA MET A 245 -6.70 4.14 -21.35
C MET A 245 -5.78 2.96 -21.68
N LYS A 246 -5.06 3.01 -22.78
CA LYS A 246 -4.27 1.87 -23.23
C LYS A 246 -2.99 1.68 -22.39
N TYR A 247 -2.31 2.77 -22.06
CA TYR A 247 -1.03 2.66 -21.36
C TYR A 247 -1.20 2.18 -19.92
N ARG A 248 -2.21 2.71 -19.22
CA ARG A 248 -2.43 2.38 -17.82
C ARG A 248 -2.64 0.88 -17.63
N ASP A 249 -3.32 0.25 -18.57
CA ASP A 249 -3.51 -1.20 -18.55
C ASP A 249 -2.17 -1.92 -18.65
N GLN A 250 -1.27 -1.44 -19.51
CA GLN A 250 0.06 -2.02 -19.61
C GLN A 250 0.87 -1.81 -18.33
N ARG A 251 0.58 -0.73 -17.60
CA ARG A 251 1.40 -0.35 -16.45
C ARG A 251 0.99 -1.05 -15.16
N ALA A 252 -0.27 -1.48 -15.07
CA ALA A 252 -0.79 -2.03 -13.81
C ALA A 252 0.04 -3.21 -13.29
N GLY A 253 0.35 -4.17 -14.17
CA GLY A 253 1.05 -5.36 -13.72
C GLY A 253 2.47 -5.09 -13.27
N LYS A 254 3.17 -4.21 -13.98
CA LYS A 254 4.50 -3.79 -13.56
C LYS A 254 4.47 -3.15 -12.18
N ILE A 255 3.45 -2.30 -11.94
CA ILE A 255 3.33 -1.67 -10.63
C ILE A 255 3.13 -2.73 -9.53
N SER A 256 2.26 -3.71 -9.78
CA SER A 256 2.01 -4.74 -8.78
C SER A 256 3.26 -5.56 -8.48
N GLU A 257 4.02 -5.93 -9.52
CA GLU A 257 5.26 -6.67 -9.30
C GLU A 257 6.27 -5.86 -8.49
N ARG A 258 6.40 -4.57 -8.79
CA ARG A 258 7.29 -3.71 -8.02
C ARG A 258 6.89 -3.68 -6.56
N LEU A 259 5.58 -3.57 -6.28
CA LEU A 259 5.12 -3.53 -4.90
C LEU A 259 5.47 -4.83 -4.17
N VAL A 260 5.27 -5.97 -4.82
CA VAL A 260 5.61 -7.25 -4.20
C VAL A 260 7.08 -7.29 -3.80
N ILE A 261 7.96 -6.93 -4.73
CA ILE A 261 9.40 -7.04 -4.46
C ILE A 261 9.82 -6.07 -3.36
N THR A 262 9.32 -4.83 -3.41
CA THR A 262 9.69 -3.84 -2.39
C THR A 262 9.24 -4.29 -1.00
N SER A 263 8.02 -4.82 -0.89
CA SER A 263 7.53 -5.29 0.40
C SER A 263 8.39 -6.42 0.95
N GLU A 264 8.73 -7.40 0.11
CA GLU A 264 9.54 -8.52 0.58
C GLU A 264 10.92 -8.06 1.05
N MET A 265 11.57 -7.20 0.25
CA MET A 265 12.95 -6.77 0.61
C MET A 265 12.92 -5.88 1.86
N ILE A 266 11.83 -5.15 2.11
CA ILE A 266 11.76 -4.37 3.34
C ILE A 266 11.55 -5.29 4.54
N GLU A 267 10.76 -6.36 4.36
CA GLU A 267 10.57 -7.31 5.45
C GLU A 267 11.88 -7.99 5.85
N ASN A 268 12.69 -8.42 4.89
CA ASN A 268 13.95 -9.11 5.23
C ASN A 268 15.17 -8.18 5.21
N ILE A 269 15.08 -7.03 5.90
CA ILE A 269 16.14 -6.04 5.80
C ILE A 269 17.41 -6.47 6.55
N GLN A 270 17.27 -7.20 7.65
CA GLN A 270 18.46 -7.67 8.36
C GLN A 270 19.26 -8.66 7.53
N SER A 271 18.60 -9.58 6.82
CA SER A 271 19.29 -10.47 5.90
C SER A 271 19.91 -9.70 4.75
N VAL A 272 19.21 -8.69 4.20
CA VAL A 272 19.80 -7.87 3.14
C VAL A 272 21.08 -7.21 3.64
N LYS A 273 21.05 -6.64 4.84
CA LYS A 273 22.23 -5.97 5.40
C LYS A 273 23.36 -6.96 5.64
N ALA A 274 23.05 -8.15 6.16
CA ALA A 274 24.09 -9.13 6.43
C ALA A 274 24.77 -9.58 5.14
N TYR A 275 24.00 -9.84 4.09
CA TYR A 275 24.58 -10.24 2.82
C TYR A 275 25.24 -9.09 2.07
N CYS A 276 24.94 -7.84 2.41
CA CYS A 276 25.38 -6.66 1.66
C CYS A 276 24.83 -6.70 0.23
N TRP A 277 23.52 -6.89 0.13
CA TRP A 277 22.81 -7.00 -1.15
C TRP A 277 22.07 -5.72 -1.53
N GLU A 278 22.30 -4.62 -0.82
CA GLU A 278 21.51 -3.37 -1.04
C GLU A 278 21.57 -2.90 -2.51
N GLU A 279 22.72 -3.07 -3.18
CA GLU A 279 22.89 -2.57 -4.53
C GLU A 279 22.13 -3.42 -5.55
N ALA A 280 22.11 -4.74 -5.36
CA ALA A 280 21.34 -5.60 -6.24
C ALA A 280 19.85 -5.28 -6.15
N MET A 281 19.34 -5.10 -4.92
CA MET A 281 17.95 -4.74 -4.73
C MET A 281 17.62 -3.42 -5.42
N GLU A 282 18.47 -2.41 -5.22
CA GLU A 282 18.23 -1.12 -5.85
C GLU A 282 18.24 -1.23 -7.37
N LYS A 283 19.14 -2.06 -7.92
CA LYS A 283 19.18 -2.25 -9.36
C LYS A 283 17.89 -2.88 -9.89
N MET A 284 17.37 -3.90 -9.20
CA MET A 284 16.12 -4.52 -9.64
C MET A 284 14.96 -3.52 -9.61
N ILE A 285 14.87 -2.72 -8.55
CA ILE A 285 13.77 -1.75 -8.47
C ILE A 285 13.89 -0.71 -9.58
N GLU A 286 15.11 -0.24 -9.85
CA GLU A 286 15.30 0.72 -10.93
C GLU A 286 14.96 0.12 -12.29
N ASN A 287 15.29 -1.16 -12.50
CA ASN A 287 14.91 -1.82 -13.75
C ASN A 287 13.40 -1.81 -13.95
N LEU A 288 12.63 -2.12 -12.90
CA LEU A 288 11.18 -2.07 -13.04
C LEU A 288 10.67 -0.65 -13.26
N ARG A 289 11.26 0.33 -12.57
CA ARG A 289 10.79 1.71 -12.67
C ARG A 289 11.02 2.29 -14.06
N GLN A 290 12.08 1.87 -14.76
CA GLN A 290 12.28 2.36 -16.12
C GLN A 290 11.09 2.03 -17.01
N THR A 291 10.68 0.76 -17.01
CA THR A 291 9.55 0.33 -17.81
C THR A 291 8.28 1.04 -17.42
N GLU A 292 8.05 1.21 -16.11
CA GLU A 292 6.84 1.92 -15.68
C GLU A 292 6.84 3.37 -16.16
N LEU A 293 7.97 4.06 -16.01
CA LEU A 293 8.02 5.49 -16.30
C LEU A 293 7.89 5.78 -17.79
N LYS A 294 8.25 4.85 -18.66
CA LYS A 294 8.09 5.05 -20.13
C LYS A 294 6.61 5.19 -20.49
N LEU A 295 5.75 4.34 -19.93
CA LEU A 295 4.30 4.43 -20.16
C LEU A 295 3.70 5.62 -19.42
N THR A 296 4.23 5.94 -18.23
CA THR A 296 3.73 7.12 -17.52
C THR A 296 3.94 8.39 -18.34
N ARG A 297 5.12 8.56 -18.93
CA ARG A 297 5.39 9.73 -19.75
C ARG A 297 4.50 9.78 -20.99
N LYS A 298 4.27 8.64 -21.64
CA LYS A 298 3.36 8.63 -22.80
C LYS A 298 1.95 9.09 -22.41
N ALA A 299 1.43 8.54 -21.31
CA ALA A 299 0.09 8.94 -20.87
C ALA A 299 0.02 10.42 -20.54
N ALA A 300 1.08 10.96 -19.92
CA ALA A 300 1.10 12.38 -19.61
C ALA A 300 1.11 13.24 -20.87
N TYR A 301 1.87 12.82 -21.90
CA TYR A 301 1.84 13.58 -23.16
C TYR A 301 0.44 13.65 -23.71
N VAL A 302 -0.29 12.52 -23.70
CA VAL A 302 -1.65 12.53 -24.25
C VAL A 302 -2.57 13.43 -23.40
N ARG A 303 -2.48 13.32 -22.08
CA ARG A 303 -3.35 14.09 -21.21
C ARG A 303 -3.11 15.60 -21.32
N TYR A 304 -1.88 16.02 -21.65
CA TYR A 304 -1.66 17.44 -21.88
C TYR A 304 -2.56 17.98 -22.98
N PHE A 305 -2.57 17.31 -24.13
CA PHE A 305 -3.41 17.76 -25.24
C PHE A 305 -4.88 17.68 -24.86
N ASN A 306 -5.27 16.65 -24.11
CA ASN A 306 -6.67 16.62 -23.68
C ASN A 306 -7.02 17.80 -22.77
N SER A 307 -6.05 18.32 -22.01
CA SER A 307 -6.32 19.41 -21.09
C SER A 307 -6.04 20.78 -21.67
N SER A 308 -5.57 20.86 -22.91
CA SER A 308 -5.35 22.16 -23.55
C SER A 308 -6.45 22.53 -24.54
N ALA A 309 -7.52 21.74 -24.65
CA ALA A 309 -8.53 22.01 -25.67
C ALA A 309 -9.38 23.23 -25.33
N PHE A 310 -9.71 23.41 -24.04
CA PHE A 310 -10.56 24.51 -23.65
C PHE A 310 -9.91 25.85 -23.93
N PHE A 311 -8.60 25.95 -23.74
CA PHE A 311 -7.91 27.23 -23.83
C PHE A 311 -7.55 27.62 -25.26
N PHE A 312 -7.63 26.69 -26.21
CA PHE A 312 -7.25 26.98 -27.59
C PHE A 312 -8.44 27.14 -28.52
N SER A 313 -9.63 26.70 -28.13
CA SER A 313 -10.81 26.82 -28.98
C SER A 313 -11.53 28.16 -28.82
N GLY A 314 -11.10 29.00 -27.89
CA GLY A 314 -11.82 30.22 -27.58
C GLY A 314 -11.95 31.19 -28.73
N PHE A 315 -10.82 31.54 -29.36
CA PHE A 315 -10.86 32.42 -30.52
C PHE A 315 -11.53 31.76 -31.72
N PHE A 316 -11.25 30.47 -31.94
CA PHE A 316 -11.75 29.77 -33.11
C PHE A 316 -13.26 29.67 -33.11
N VAL A 317 -13.88 29.38 -31.97
CA VAL A 317 -15.34 29.21 -31.93
C VAL A 317 -16.04 30.53 -32.24
N VAL A 318 -15.60 31.62 -31.60
CA VAL A 318 -16.22 32.92 -31.83
C VAL A 318 -16.04 33.35 -33.29
N PHE A 319 -14.82 33.22 -33.80
CA PHE A 319 -14.53 33.62 -35.17
C PHE A 319 -15.39 32.83 -36.16
N LEU A 320 -15.48 31.52 -35.98
CA LEU A 320 -16.26 30.69 -36.89
C LEU A 320 -17.75 30.99 -36.76
N SER A 321 -18.20 31.35 -35.58
CA SER A 321 -19.65 31.58 -35.36
C SER A 321 -20.06 32.87 -36.07
N VAL A 322 -19.19 33.89 -36.06
CA VAL A 322 -19.60 35.15 -36.67
C VAL A 322 -19.17 35.33 -38.12
N LEU A 323 -18.24 34.49 -38.62
CA LEU A 323 -17.71 34.68 -39.97
C LEU A 323 -18.74 34.53 -41.10
N PRO A 324 -19.59 33.46 -41.19
CA PRO A 324 -20.54 33.37 -42.29
C PRO A 324 -21.54 34.53 -42.22
N TYR A 325 -22.08 34.79 -41.04
CA TYR A 325 -22.97 35.93 -40.88
C TYR A 325 -22.33 37.19 -41.45
N ALA A 326 -21.05 37.42 -41.13
CA ALA A 326 -20.37 38.62 -41.62
C ALA A 326 -20.17 38.59 -43.12
N LEU A 327 -19.91 37.41 -43.69
CA LEU A 327 -19.67 37.30 -45.12
C LEU A 327 -20.93 37.43 -45.95
N ILE A 328 -22.09 37.15 -45.35
CA ILE A 328 -23.39 37.31 -46.06
C ILE A 328 -23.88 38.75 -45.89
N LYS A 329 -23.96 39.24 -44.65
CA LYS A 329 -24.48 40.61 -44.37
C LYS A 329 -23.52 41.33 -43.42
N GLY A 330 -23.54 42.67 -43.41
CA GLY A 330 -22.69 43.42 -42.46
C GLY A 330 -23.08 43.11 -41.02
N ILE A 331 -22.10 42.81 -40.16
CA ILE A 331 -22.40 42.56 -38.73
C ILE A 331 -21.97 43.75 -37.87
N ILE A 332 -22.68 43.99 -36.76
CA ILE A 332 -22.30 45.08 -35.82
C ILE A 332 -21.40 44.48 -34.73
N LEU A 333 -20.43 45.24 -34.24
CA LEU A 333 -19.48 44.76 -33.20
C LEU A 333 -20.20 44.42 -31.90
N ARG A 334 -21.36 45.04 -31.62
CA ARG A 334 -22.12 44.70 -30.43
C ARG A 334 -22.51 43.22 -30.43
N LYS A 335 -22.97 42.71 -31.57
CA LYS A 335 -23.29 41.29 -31.68
C LYS A 335 -22.07 40.42 -31.43
N ILE A 336 -20.92 40.83 -31.99
CA ILE A 336 -19.69 40.06 -31.80
C ILE A 336 -19.32 40.02 -30.33
N PHE A 337 -19.46 41.14 -29.64
CA PHE A 337 -19.19 41.16 -28.20
C PHE A 337 -20.14 40.24 -27.44
N THR A 338 -21.41 40.23 -27.84
CA THR A 338 -22.40 39.41 -27.13
C THR A 338 -22.17 37.92 -27.36
N THR A 339 -21.56 37.54 -28.49
CA THR A 339 -21.42 36.09 -28.80
C THR A 339 -20.40 35.42 -27.87
N ILE A 340 -19.41 36.15 -27.35
CA ILE A 340 -18.37 35.55 -26.54
C ILE A 340 -18.92 34.98 -25.23
N SER A 341 -19.93 35.64 -24.65
CA SER A 341 -20.48 35.19 -23.37
C SER A 341 -21.15 33.83 -23.50
N PHE A 342 -21.92 33.62 -24.57
CA PHE A 342 -22.49 32.29 -24.81
C PHE A 342 -21.39 31.29 -25.14
N CYS A 343 -20.40 31.71 -25.92
CA CYS A 343 -19.37 30.78 -26.36
C CYS A 343 -18.56 30.23 -25.19
N ILE A 344 -18.33 31.03 -24.16
CA ILE A 344 -17.57 30.52 -23.01
C ILE A 344 -18.29 29.34 -22.36
N VAL A 345 -19.58 29.51 -22.09
CA VAL A 345 -20.36 28.45 -21.45
C VAL A 345 -20.39 27.21 -22.33
N LEU A 346 -20.62 27.41 -23.63
CA LEU A 346 -20.73 26.27 -24.53
C LEU A 346 -19.41 25.52 -24.65
N ARG A 347 -18.30 26.25 -24.76
CA ARG A 347 -16.97 25.61 -24.83
C ARG A 347 -16.71 24.83 -23.54
N MET A 348 -17.01 25.45 -22.40
CA MET A 348 -16.78 24.74 -21.13
C MET A 348 -17.54 23.43 -21.10
N ALA A 349 -18.82 23.45 -21.50
CA ALA A 349 -19.61 22.22 -21.52
C ALA A 349 -19.03 21.20 -22.50
N VAL A 350 -18.62 21.62 -23.69
CA VAL A 350 -18.19 20.63 -24.72
C VAL A 350 -16.78 20.09 -24.45
N THR A 351 -15.81 20.96 -24.16
CA THR A 351 -14.40 20.49 -24.05
C THR A 351 -13.96 20.14 -22.63
N ARG A 352 -14.84 20.25 -21.62
CA ARG A 352 -14.35 19.99 -20.23
C ARG A 352 -15.31 19.14 -19.39
N GLN A 353 -16.61 19.40 -19.43
CA GLN A 353 -17.53 18.71 -18.53
C GLN A 353 -17.98 17.36 -19.11
N PHE A 354 -18.26 17.32 -20.41
CA PHE A 354 -18.66 16.06 -21.04
C PHE A 354 -17.51 15.04 -21.07
N PRO A 355 -16.31 15.36 -21.57
CA PRO A 355 -15.25 14.34 -21.62
C PRO A 355 -14.83 13.82 -20.25
N TRP A 356 -14.76 14.69 -19.25
CA TRP A 356 -14.41 14.26 -17.89
C TRP A 356 -15.43 13.28 -17.34
N ALA A 357 -16.73 13.54 -17.58
CA ALA A 357 -17.78 12.62 -17.16
C ALA A 357 -17.66 11.27 -17.86
N VAL A 358 -17.38 11.28 -19.16
CA VAL A 358 -17.24 10.02 -19.88
C VAL A 358 -16.09 9.20 -19.31
N GLN A 359 -14.95 9.85 -19.04
CA GLN A 359 -13.82 9.15 -18.43
C GLN A 359 -14.16 8.62 -17.04
N THR A 360 -14.94 9.39 -16.27
CA THR A 360 -15.37 8.93 -14.96
C THR A 360 -16.20 7.64 -15.06
N TRP A 361 -17.16 7.61 -15.99
CA TRP A 361 -17.97 6.41 -16.17
C TRP A 361 -17.13 5.23 -16.60
N TYR A 362 -16.18 5.44 -17.52
CA TYR A 362 -15.28 4.36 -17.92
C TYR A 362 -14.53 3.79 -16.72
N ASP A 363 -13.89 4.64 -15.93
CA ASP A 363 -13.10 4.15 -14.80
C ASP A 363 -13.94 3.47 -13.74
N SER A 364 -15.13 4.01 -13.43
CA SER A 364 -15.98 3.39 -12.42
C SER A 364 -16.51 2.03 -12.87
N LEU A 365 -16.97 1.93 -14.12
CA LEU A 365 -17.45 0.63 -14.59
C LEU A 365 -16.32 -0.38 -14.64
N GLY A 366 -15.11 0.03 -15.01
CA GLY A 366 -13.98 -0.88 -14.97
C GLY A 366 -13.65 -1.38 -13.57
N ALA A 367 -13.63 -0.47 -12.59
CA ALA A 367 -13.36 -0.89 -11.21
C ALA A 367 -14.41 -1.86 -10.70
N ILE A 368 -15.69 -1.59 -11.00
CA ILE A 368 -16.75 -2.48 -10.52
C ILE A 368 -16.66 -3.84 -11.21
N ASN A 369 -16.31 -3.88 -12.49
CA ASN A 369 -16.11 -5.16 -13.16
C ASN A 369 -14.97 -5.95 -12.53
N LYS A 370 -13.85 -5.29 -12.21
CA LYS A 370 -12.75 -5.99 -11.56
C LYS A 370 -13.16 -6.54 -10.20
N ILE A 371 -13.92 -5.76 -9.42
CA ILE A 371 -14.37 -6.25 -8.12
C ILE A 371 -15.29 -7.46 -8.27
N GLN A 372 -16.19 -7.44 -9.26
CA GLN A 372 -17.05 -8.60 -9.48
C GLN A 372 -16.24 -9.83 -9.87
N ASP A 373 -15.22 -9.61 -10.72
CA ASP A 373 -14.34 -10.73 -11.15
C ASP A 373 -13.68 -11.35 -9.90
N PHE A 374 -13.20 -10.51 -8.97
CA PHE A 374 -12.63 -11.06 -7.75
C PHE A 374 -13.68 -11.79 -6.92
N LEU A 375 -14.89 -11.24 -6.83
CA LEU A 375 -15.93 -11.85 -6.01
C LEU A 375 -16.47 -13.15 -6.59
N GLN A 376 -16.11 -13.51 -7.82
CA GLN A 376 -16.59 -14.78 -8.35
C GLN A 376 -15.48 -15.81 -8.55
N LYS A 377 -14.62 -15.99 -7.55
CA LYS A 377 -13.51 -16.93 -7.61
C LYS A 377 -13.86 -18.24 -6.89
N GLN A 378 -12.91 -19.17 -6.90
CA GLN A 378 -13.11 -20.49 -6.30
C GLN A 378 -12.84 -20.45 -4.80
N GLU A 379 -13.65 -21.19 -4.05
CA GLU A 379 -13.68 -21.10 -2.59
C GLU A 379 -13.26 -22.42 -1.95
N TYR A 380 -13.11 -22.38 -0.63
CA TYR A 380 -12.70 -23.51 0.19
C TYR A 380 -13.91 -24.31 0.67
N LYS A 381 -13.76 -25.63 0.74
CA LYS A 381 -14.83 -26.53 1.18
C LYS A 381 -14.24 -27.71 1.97
N THR A 382 -15.07 -28.29 2.85
CA THR A 382 -14.67 -29.49 3.60
C THR A 382 -15.89 -30.12 4.24
N LEU A 383 -15.72 -31.36 4.72
CA LEU A 383 -16.79 -32.15 5.30
C LEU A 383 -16.31 -32.87 6.56
N GLU A 384 -17.25 -33.09 7.48
CA GLU A 384 -16.97 -33.75 8.76
C GLU A 384 -18.29 -34.25 9.35
N TYR A 385 -18.18 -35.09 10.38
CA TYR A 385 -19.33 -35.67 11.08
C TYR A 385 -19.32 -35.29 12.55
N ASN A 386 -20.50 -34.93 13.07
CA ASN A 386 -20.70 -34.78 14.50
C ASN A 386 -21.03 -36.11 15.18
N LEU A 387 -21.34 -37.14 14.40
CA LEU A 387 -21.67 -38.46 14.91
C LEU A 387 -20.49 -39.42 14.84
N THR A 388 -19.30 -38.92 14.53
CA THR A 388 -18.12 -39.75 14.47
C THR A 388 -17.61 -40.05 15.88
N THR A 389 -16.71 -41.02 15.97
CA THR A 389 -16.24 -41.55 17.25
C THR A 389 -15.08 -40.78 17.83
N THR A 390 -14.72 -39.63 17.24
CA THR A 390 -13.48 -38.92 17.54
C THR A 390 -12.27 -39.81 17.22
N GLU A 391 -12.39 -40.60 16.16
CA GLU A 391 -11.26 -41.26 15.53
C GLU A 391 -10.90 -40.52 14.24
N VAL A 392 -9.69 -40.73 13.78
CA VAL A 392 -9.23 -40.18 12.50
C VAL A 392 -8.89 -41.37 11.61
N VAL A 393 -9.53 -41.43 10.45
CA VAL A 393 -9.45 -42.55 9.53
C VAL A 393 -9.03 -42.02 8.16
N MET A 394 -7.96 -42.63 7.61
CA MET A 394 -7.50 -42.29 6.24
C MET A 394 -7.53 -43.58 5.43
N GLU A 395 -8.14 -43.56 4.25
CA GLU A 395 -8.32 -44.75 3.42
C GLU A 395 -7.80 -44.48 2.00
N ASN A 396 -6.72 -45.17 1.64
CA ASN A 396 -6.08 -45.11 0.32
C ASN A 396 -6.13 -43.71 -0.27
N VAL A 397 -5.55 -42.75 0.46
CA VAL A 397 -5.65 -41.34 0.11
C VAL A 397 -4.43 -40.90 -0.67
N THR A 398 -4.67 -40.44 -1.89
CA THR A 398 -3.66 -39.91 -2.81
C THR A 398 -3.93 -38.44 -3.06
N ALA A 399 -2.86 -37.63 -3.07
CA ALA A 399 -3.00 -36.18 -3.16
C ALA A 399 -2.06 -35.61 -4.20
N PHE A 400 -2.53 -34.58 -4.91
CA PHE A 400 -1.80 -33.91 -5.98
C PHE A 400 -1.74 -32.43 -5.67
N TRP A 401 -0.52 -31.87 -5.55
CA TRP A 401 -0.41 -30.44 -5.27
C TRP A 401 -0.97 -29.61 -6.40
N GLU A 402 -0.69 -29.99 -7.65
CA GLU A 402 -1.22 -29.29 -8.80
C GLU A 402 -2.52 -29.94 -9.26
N GLU A 403 -3.55 -29.13 -9.45
CA GLU A 403 -4.85 -29.66 -9.84
C GLU A 403 -4.82 -30.21 -11.26
N GLY A 404 -4.05 -29.60 -12.15
CA GLY A 404 -3.99 -30.06 -13.53
C GLY A 404 -3.37 -31.43 -13.66
N PHE A 405 -2.29 -31.69 -12.93
CA PHE A 405 -1.67 -33.01 -12.97
C PHE A 405 -2.60 -34.08 -12.41
N GLY A 406 -3.32 -33.77 -11.34
CA GLY A 406 -4.25 -34.70 -10.75
C GLY A 406 -5.64 -34.66 -11.35
N GLY A 437 1.29 -36.78 -13.86
CA GLY A 437 2.28 -36.25 -12.95
C GLY A 437 2.56 -37.14 -11.75
N THR A 438 3.20 -36.57 -10.73
CA THR A 438 3.56 -37.31 -9.54
C THR A 438 2.76 -36.81 -8.35
N PRO A 439 1.99 -37.66 -7.67
CA PRO A 439 1.29 -37.20 -6.48
C PRO A 439 2.24 -37.00 -5.32
N VAL A 440 1.95 -35.99 -4.50
CA VAL A 440 2.78 -35.73 -3.31
C VAL A 440 2.61 -36.86 -2.29
N LEU A 441 1.41 -37.41 -2.17
CA LEU A 441 1.13 -38.54 -1.29
C LEU A 441 0.39 -39.61 -2.08
N LYS A 442 0.68 -40.88 -1.78
CA LYS A 442 0.07 -41.99 -2.57
C LYS A 442 -0.38 -43.12 -1.65
N ASP A 443 -1.71 -43.31 -1.52
CA ASP A 443 -2.28 -44.43 -0.72
C ASP A 443 -1.81 -44.39 0.74
N ILE A 444 -1.98 -43.25 1.42
CA ILE A 444 -1.63 -43.16 2.83
C ILE A 444 -2.81 -43.70 3.65
N ASN A 445 -2.50 -44.57 4.60
CA ASN A 445 -3.51 -45.21 5.47
C ASN A 445 -3.09 -45.07 6.93
N PHE A 446 -4.01 -44.58 7.76
CA PHE A 446 -3.79 -44.54 9.20
C PHE A 446 -5.13 -44.43 9.92
N LYS A 447 -5.19 -45.01 11.11
CA LYS A 447 -6.39 -44.95 11.94
C LYS A 447 -5.99 -44.74 13.39
N ILE A 448 -6.58 -43.73 14.04
CA ILE A 448 -6.31 -43.50 15.46
C ILE A 448 -7.61 -43.27 16.21
N GLU A 449 -7.80 -44.01 17.30
CA GLU A 449 -8.92 -43.80 18.21
C GLU A 449 -8.63 -42.63 19.15
N ARG A 450 -9.66 -42.24 19.90
CA ARG A 450 -9.58 -41.04 20.78
C ARG A 450 -8.62 -41.22 21.95
N GLY A 451 -7.67 -40.30 22.10
CA GLY A 451 -6.78 -40.31 23.24
C GLY A 451 -5.41 -40.87 23.01
N GLN A 452 -5.08 -41.31 21.80
CA GLN A 452 -3.78 -41.87 21.50
C GLN A 452 -2.99 -40.96 20.57
N LEU A 453 -1.67 -41.15 20.58
CA LEU A 453 -0.74 -40.33 19.84
C LEU A 453 -0.28 -41.06 18.59
N LEU A 454 -0.09 -40.31 17.50
CA LEU A 454 0.41 -40.83 16.23
C LEU A 454 1.61 -40.01 15.83
N ALA A 455 2.79 -40.65 15.79
CA ALA A 455 4.01 -39.99 15.38
C ALA A 455 4.23 -40.14 13.88
N VAL A 456 4.67 -39.07 13.24
CA VAL A 456 4.86 -39.05 11.80
C VAL A 456 6.32 -38.70 11.51
N ALA A 457 7.05 -39.65 10.95
CA ALA A 457 8.48 -39.52 10.68
C ALA A 457 8.73 -39.55 9.17
N GLY A 458 9.97 -39.29 8.80
CA GLY A 458 10.35 -39.25 7.39
C GLY A 458 11.45 -38.23 7.16
N SER A 459 11.98 -38.25 5.94
CA SER A 459 13.05 -37.35 5.55
C SER A 459 12.47 -36.10 4.87
N THR A 460 13.37 -35.18 4.52
CA THR A 460 12.95 -33.92 3.92
C THR A 460 12.24 -34.15 2.60
N GLY A 461 11.09 -33.50 2.43
CA GLY A 461 10.35 -33.64 1.20
C GLY A 461 9.53 -34.91 1.10
N ALA A 462 9.33 -35.62 2.21
CA ALA A 462 8.54 -36.85 2.17
C ALA A 462 7.03 -36.59 2.16
N GLY A 463 6.60 -35.41 2.58
CA GLY A 463 5.18 -35.07 2.56
C GLY A 463 4.49 -35.08 3.90
N LYS A 464 5.21 -34.75 4.97
CA LYS A 464 4.62 -34.69 6.30
C LYS A 464 3.71 -33.47 6.46
N THR A 465 4.23 -32.30 6.08
CA THR A 465 3.39 -31.07 6.11
C THR A 465 2.22 -31.28 5.13
N SER A 466 2.48 -31.91 3.97
CA SER A 466 1.42 -32.14 2.99
C SER A 466 0.33 -33.05 3.55
N LEU A 467 0.72 -34.08 4.30
CA LEU A 467 -0.26 -34.94 4.95
C LEU A 467 -1.11 -34.16 5.95
N LEU A 468 -0.48 -33.30 6.75
CA LEU A 468 -1.24 -32.47 7.66
C LEU A 468 -2.20 -31.54 6.91
N MET A 469 -1.76 -31.05 5.75
CA MET A 469 -2.60 -30.16 4.90
C MET A 469 -3.81 -30.93 4.38
N VAL A 470 -3.60 -32.19 3.96
CA VAL A 470 -4.71 -33.01 3.49
C VAL A 470 -5.71 -33.24 4.61
N ILE A 471 -5.21 -33.52 5.81
CA ILE A 471 -6.11 -33.72 6.96
C ILE A 471 -6.89 -32.44 7.25
N MET A 472 -6.22 -31.28 7.19
CA MET A 472 -6.90 -30.01 7.43
C MET A 472 -7.91 -29.66 6.34
N GLY A 473 -7.78 -30.26 5.17
CA GLY A 473 -8.71 -29.98 4.08
C GLY A 473 -8.25 -28.92 3.12
N GLU A 474 -7.03 -28.41 3.27
CA GLU A 474 -6.50 -27.36 2.37
C GLU A 474 -6.05 -28.00 1.05
N LEU A 475 -5.71 -29.29 1.08
CA LEU A 475 -5.30 -30.04 -0.11
C LEU A 475 -6.34 -31.13 -0.36
N GLU A 476 -7.07 -31.02 -1.47
CA GLU A 476 -8.12 -31.99 -1.79
C GLU A 476 -7.50 -33.24 -2.41
N PRO A 477 -7.83 -34.43 -1.90
CA PRO A 477 -7.26 -35.65 -2.46
C PRO A 477 -7.90 -36.03 -3.79
N SER A 478 -7.10 -36.62 -4.67
CA SER A 478 -7.62 -37.12 -5.93
C SER A 478 -8.34 -38.46 -5.76
N GLU A 479 -7.90 -39.24 -4.76
CA GLU A 479 -8.49 -40.57 -4.51
C GLU A 479 -8.46 -40.82 -3.00
N GLY A 480 -9.54 -41.39 -2.44
CA GLY A 480 -9.58 -41.69 -1.02
C GLY A 480 -10.44 -40.72 -0.25
N LYS A 481 -10.64 -41.05 1.03
CA LYS A 481 -11.55 -40.23 1.87
C LYS A 481 -11.06 -40.12 3.31
N ILE A 482 -11.13 -38.89 3.85
CA ILE A 482 -10.73 -38.62 5.26
C ILE A 482 -12.01 -38.47 6.07
N LYS A 483 -12.01 -38.86 7.35
CA LYS A 483 -13.19 -38.89 8.19
C LYS A 483 -12.80 -38.60 9.63
N HIS A 484 -13.18 -37.43 10.15
CA HIS A 484 -13.01 -37.12 11.57
C HIS A 484 -14.10 -36.14 12.02
N SER A 485 -13.97 -35.67 13.25
CA SER A 485 -14.82 -34.60 13.74
C SER A 485 -14.19 -33.25 13.43
N GLY A 486 -15.03 -32.23 13.25
CA GLY A 486 -14.57 -30.97 12.72
C GLY A 486 -13.56 -30.26 13.61
N ARG A 487 -13.74 -30.35 14.93
CA ARG A 487 -12.87 -29.61 15.90
C ARG A 487 -11.40 -30.00 15.70
N ILE A 488 -10.56 -29.06 15.23
CA ILE A 488 -9.10 -29.32 15.06
C ILE A 488 -8.30 -28.14 15.59
N SER A 489 -7.11 -28.39 16.15
CA SER A 489 -6.20 -27.30 16.60
C SER A 489 -4.87 -27.48 15.86
N PHE A 490 -4.29 -26.40 15.35
CA PHE A 490 -3.08 -26.56 14.50
C PHE A 490 -1.89 -25.73 14.98
N CYS A 491 -0.70 -26.33 14.92
CA CYS A 491 0.54 -25.55 15.18
C CYS A 491 1.40 -25.66 13.92
N SER A 492 1.62 -24.55 13.20
CA SER A 492 2.33 -24.62 11.93
C SER A 492 3.83 -24.73 12.13
N GLN A 493 4.51 -25.25 11.11
CA GLN A 493 5.97 -25.33 11.17
C GLN A 493 6.61 -23.96 11.07
N PHE A 494 5.93 -23.00 10.45
CA PHE A 494 6.39 -21.62 10.34
C PHE A 494 5.46 -20.77 11.19
N SER A 495 5.98 -20.27 12.31
CA SER A 495 5.15 -19.59 13.30
C SER A 495 4.56 -18.30 12.74
N TRP A 496 3.32 -18.02 13.15
CA TRP A 496 2.61 -16.80 12.77
C TRP A 496 2.30 -15.99 14.01
N ILE A 497 2.49 -14.68 13.92
CA ILE A 497 2.26 -13.74 15.02
C ILE A 497 1.48 -12.56 14.48
N MET A 498 0.63 -11.98 15.31
CA MET A 498 -0.21 -10.86 14.94
C MET A 498 0.02 -9.70 15.90
N PRO A 499 -0.32 -8.48 15.49
CA PRO A 499 -0.11 -7.32 16.38
C PRO A 499 -0.94 -7.42 17.66
N GLY A 500 -0.29 -7.15 18.78
CA GLY A 500 -0.95 -7.18 20.06
C GLY A 500 -0.04 -7.76 21.12
N THR A 501 -0.61 -7.91 22.32
CA THR A 501 0.16 -8.45 23.43
C THR A 501 0.29 -9.98 23.31
N ILE A 502 1.24 -10.52 24.06
CA ILE A 502 1.42 -11.97 24.10
C ILE A 502 0.14 -12.67 24.56
N LYS A 503 -0.51 -12.10 25.58
CA LYS A 503 -1.76 -12.65 26.08
C LYS A 503 -2.83 -12.64 24.99
N GLU A 504 -2.93 -11.54 24.24
CA GLU A 504 -3.87 -11.47 23.14
C GLU A 504 -3.59 -12.55 22.10
N ASN A 505 -2.31 -12.78 21.81
CA ASN A 505 -1.95 -13.81 20.84
C ASN A 505 -2.41 -15.19 21.30
N ILE A 506 -2.15 -15.54 22.55
CA ILE A 506 -2.55 -16.86 23.04
C ILE A 506 -4.07 -17.00 23.04
N ILE A 507 -4.78 -15.96 23.47
CA ILE A 507 -6.24 -16.07 23.61
C ILE A 507 -6.91 -16.14 22.25
N PHE A 508 -6.49 -15.29 21.31
CA PHE A 508 -6.85 -15.35 19.90
C PHE A 508 -8.33 -15.04 19.64
N GLY A 509 -9.06 -14.49 20.60
CA GLY A 509 -10.41 -14.02 20.35
C GLY A 509 -11.49 -14.64 21.22
N VAL A 510 -11.15 -15.55 22.13
CA VAL A 510 -12.13 -16.15 23.04
C VAL A 510 -11.96 -15.51 24.42
N SER A 511 -12.83 -15.89 25.35
CA SER A 511 -12.77 -15.32 26.70
C SER A 511 -11.49 -15.76 27.42
N TYR A 512 -11.13 -14.98 28.44
CA TYR A 512 -9.90 -15.21 29.19
C TYR A 512 -10.18 -16.05 30.43
N ASP A 513 -9.52 -17.19 30.53
CA ASP A 513 -9.63 -18.11 31.66
C ASP A 513 -8.31 -18.13 32.40
N GLU A 514 -8.34 -17.70 33.66
CA GLU A 514 -7.11 -17.54 34.43
C GLU A 514 -6.42 -18.87 34.69
N TYR A 515 -7.18 -19.87 35.16
CA TYR A 515 -6.59 -21.17 35.49
C TYR A 515 -6.00 -21.85 34.25
N ARG A 516 -6.76 -21.86 33.15
CA ARG A 516 -6.27 -22.48 31.93
C ARG A 516 -5.06 -21.73 31.37
N TYR A 517 -5.10 -20.40 31.39
CA TYR A 517 -3.98 -19.62 30.87
C TYR A 517 -2.71 -19.86 31.69
N ARG A 518 -2.82 -19.86 33.02
CA ARG A 518 -1.65 -20.08 33.85
C ARG A 518 -1.10 -21.49 33.71
N SER A 519 -1.98 -22.50 33.60
CA SER A 519 -1.49 -23.86 33.37
C SER A 519 -0.78 -23.99 32.02
N VAL A 520 -1.32 -23.39 30.96
CA VAL A 520 -0.68 -23.48 29.65
C VAL A 520 0.66 -22.75 29.66
N ILE A 521 0.73 -21.60 30.32
CA ILE A 521 1.98 -20.85 30.42
C ILE A 521 3.03 -21.67 31.16
N LYS A 522 2.64 -22.31 32.26
CA LYS A 522 3.58 -23.14 33.01
C LYS A 522 4.07 -24.30 32.16
N ALA A 523 3.15 -24.95 31.43
CA ALA A 523 3.53 -26.14 30.68
C ALA A 523 4.43 -25.80 29.48
N CYS A 524 4.23 -24.64 28.87
CA CYS A 524 5.01 -24.31 27.68
C CYS A 524 6.36 -23.67 28.01
N GLN A 525 6.71 -23.56 29.30
CA GLN A 525 8.01 -23.06 29.76
C GLN A 525 8.23 -21.58 29.41
N LEU A 526 7.17 -20.78 29.41
CA LEU A 526 7.28 -19.38 29.04
C LEU A 526 7.37 -18.45 30.24
N GLU A 527 7.31 -18.97 31.47
CA GLU A 527 7.42 -18.13 32.65
C GLU A 527 8.77 -17.46 32.75
N GLU A 528 9.84 -18.24 32.56
CA GLU A 528 11.22 -17.69 32.65
C GLU A 528 11.41 -16.55 31.67
N ASP A 529 10.96 -16.72 30.41
CA ASP A 529 11.21 -15.71 29.40
C ASP A 529 10.27 -14.51 29.56
N ILE A 530 9.03 -14.75 29.97
CA ILE A 530 8.10 -13.64 30.12
C ILE A 530 8.48 -12.77 31.30
N SER A 531 9.13 -13.34 32.32
CA SER A 531 9.55 -12.53 33.46
C SER A 531 10.47 -11.38 33.05
N LYS A 532 11.33 -11.61 32.04
CA LYS A 532 12.32 -10.60 31.67
C LYS A 532 11.67 -9.34 31.10
N PHE A 533 10.56 -9.48 30.37
CA PHE A 533 9.93 -8.33 29.74
C PHE A 533 9.45 -7.34 30.80
N ALA A 534 9.42 -6.07 30.42
CA ALA A 534 9.07 -5.01 31.37
C ALA A 534 7.63 -5.18 31.87
N GLU A 535 6.70 -5.34 30.93
CA GLU A 535 5.26 -5.47 31.31
C GLU A 535 4.85 -6.94 31.19
N LYS A 536 5.77 -7.86 31.36
CA LYS A 536 5.40 -9.28 31.31
C LYS A 536 4.82 -9.59 29.94
N ASP A 537 3.71 -10.32 29.91
CA ASP A 537 3.04 -10.71 28.65
C ASP A 537 2.31 -9.51 28.04
N ASN A 538 2.16 -8.42 28.80
CA ASN A 538 1.40 -7.23 28.32
C ASN A 538 2.25 -6.45 27.31
N ILE A 539 3.50 -6.86 27.09
CA ILE A 539 4.36 -6.19 26.07
C ILE A 539 3.74 -6.41 24.68
N VAL A 540 3.58 -5.34 23.90
CA VAL A 540 3.00 -5.45 22.57
C VAL A 540 4.05 -6.01 21.61
N LEU A 541 3.65 -6.96 20.79
CA LEU A 541 4.52 -7.60 19.82
C LEU A 541 4.22 -7.07 18.43
N GLY A 542 5.28 -6.75 17.68
CA GLY A 542 5.10 -6.46 16.27
C GLY A 542 4.70 -7.70 15.49
N GLU A 543 4.03 -7.48 14.37
CA GLU A 543 3.57 -8.60 13.57
C GLU A 543 4.77 -9.40 13.07
N GLY A 544 4.65 -10.73 13.16
CA GLY A 544 5.77 -11.58 12.86
C GLY A 544 6.76 -11.76 13.99
N GLY A 545 6.50 -11.17 15.15
CA GLY A 545 7.35 -11.34 16.31
C GLY A 545 8.76 -10.87 16.08
N ILE A 546 8.91 -9.64 15.56
CA ILE A 546 10.26 -9.14 15.16
C ILE A 546 11.21 -9.02 16.36
N THR A 547 10.67 -8.81 17.56
CA THR A 547 11.52 -8.56 18.76
C THR A 547 11.77 -9.85 19.56
N LEU A 548 11.33 -11.00 19.07
CA LEU A 548 11.50 -12.25 19.81
C LEU A 548 12.51 -13.15 19.12
N SER A 549 12.95 -14.17 19.87
CA SER A 549 13.77 -15.21 19.29
C SER A 549 12.89 -16.29 18.64
N GLY A 550 13.52 -17.12 17.81
CA GLY A 550 12.78 -18.15 17.10
C GLY A 550 12.14 -19.17 18.01
N GLY A 551 12.86 -19.62 19.04
CA GLY A 551 12.28 -20.52 20.01
C GLY A 551 11.13 -19.91 20.79
N GLN A 552 11.24 -18.61 21.10
CA GLN A 552 10.15 -17.93 21.79
C GLN A 552 8.91 -17.84 20.91
N ARG A 553 9.08 -17.51 19.63
CA ARG A 553 7.94 -17.49 18.72
C ARG A 553 7.30 -18.87 18.60
N ALA A 554 8.13 -19.91 18.48
CA ALA A 554 7.62 -21.28 18.40
C ALA A 554 6.81 -21.64 19.64
N ARG A 555 7.32 -21.29 20.82
CA ARG A 555 6.62 -21.61 22.05
C ARG A 555 5.31 -20.83 22.19
N ILE A 556 5.27 -19.57 21.72
CA ILE A 556 4.02 -18.81 21.77
C ILE A 556 2.95 -19.46 20.89
N SER A 557 3.33 -19.86 19.67
CA SER A 557 2.38 -20.54 18.80
C SER A 557 1.90 -21.84 19.41
N LEU A 558 2.82 -22.62 19.99
CA LEU A 558 2.43 -23.85 20.66
C LEU A 558 1.46 -23.58 21.81
N ALA A 559 1.70 -22.53 22.58
CA ALA A 559 0.82 -22.21 23.71
C ALA A 559 -0.57 -21.82 23.21
N ARG A 560 -0.65 -21.09 22.10
CA ARG A 560 -1.95 -20.76 21.52
C ARG A 560 -2.73 -22.03 21.16
N ALA A 561 -2.05 -22.96 20.46
CA ALA A 561 -2.71 -24.21 20.09
C ALA A 561 -3.14 -25.00 21.31
N VAL A 562 -2.28 -25.09 22.33
CA VAL A 562 -2.62 -25.86 23.53
C VAL A 562 -3.79 -25.22 24.26
N TYR A 563 -3.84 -23.89 24.28
CA TYR A 563 -4.93 -23.19 24.96
C TYR A 563 -6.27 -23.48 24.32
N LYS A 564 -6.32 -23.52 22.99
CA LYS A 564 -7.60 -23.85 22.36
C LYS A 564 -8.03 -25.29 22.68
N ASP A 565 -9.32 -25.49 22.91
CA ASP A 565 -9.88 -26.80 23.19
C ASP A 565 -10.44 -27.41 21.90
N ALA A 566 -9.98 -28.61 21.57
CA ALA A 566 -10.35 -29.25 20.31
C ALA A 566 -10.32 -30.76 20.48
N ASP A 567 -10.96 -31.47 19.55
CA ASP A 567 -10.93 -32.92 19.56
C ASP A 567 -9.60 -33.47 19.08
N LEU A 568 -9.07 -32.85 18.02
CA LEU A 568 -7.79 -33.31 17.41
C LEU A 568 -6.76 -32.18 17.50
N TYR A 569 -5.48 -32.55 17.63
CA TYR A 569 -4.38 -31.54 17.76
C TYR A 569 -3.27 -31.87 16.75
N LEU A 570 -3.16 -31.07 15.68
CA LEU A 570 -2.12 -31.26 14.67
C LEU A 570 -0.89 -30.41 15.02
N LEU A 571 0.27 -31.05 15.05
CA LEU A 571 1.53 -30.40 15.43
C LEU A 571 2.60 -30.69 14.40
N ASP A 572 3.33 -29.66 13.97
CA ASP A 572 4.38 -29.81 12.96
C ASP A 572 5.68 -29.24 13.52
N SER A 573 6.60 -30.14 13.88
CA SER A 573 7.92 -29.77 14.37
C SER A 573 7.88 -28.68 15.46
N PRO A 574 7.17 -28.91 16.56
CA PRO A 574 7.07 -27.86 17.58
C PRO A 574 8.36 -27.63 18.35
N PHE A 575 9.23 -28.63 18.45
CA PHE A 575 10.45 -28.53 19.25
C PHE A 575 11.69 -28.26 18.40
N GLY A 576 11.51 -27.75 17.18
CA GLY A 576 12.60 -27.54 16.26
C GLY A 576 13.62 -26.48 16.63
N TYR A 577 13.17 -25.33 17.14
CA TYR A 577 14.05 -24.23 17.47
C TYR A 577 14.50 -24.24 18.93
N LEU A 578 14.11 -25.24 19.71
CA LEU A 578 14.41 -25.31 21.12
C LEU A 578 15.61 -26.22 21.39
N ASP A 579 16.24 -26.01 22.56
CA ASP A 579 17.36 -26.84 22.98
C ASP A 579 16.86 -28.13 23.60
N VAL A 580 17.78 -29.03 23.97
CA VAL A 580 17.38 -30.40 24.30
C VAL A 580 16.62 -30.44 25.62
N LEU A 581 17.09 -29.72 26.63
CA LEU A 581 16.43 -29.77 27.94
C LEU A 581 15.05 -29.13 27.87
N THR A 582 14.93 -28.00 27.17
CA THR A 582 13.64 -27.35 27.00
C THR A 582 12.67 -28.23 26.21
N GLU A 583 13.17 -28.85 25.13
CA GLU A 583 12.33 -29.74 24.34
C GLU A 583 11.84 -30.92 25.16
N LYS A 584 12.72 -31.51 25.97
CA LYS A 584 12.33 -32.62 26.83
C LYS A 584 11.25 -32.18 27.81
N GLU A 585 11.46 -31.04 28.48
CA GLU A 585 10.48 -30.56 29.44
C GLU A 585 9.12 -30.32 28.78
N ILE A 586 9.11 -29.69 27.60
CA ILE A 586 7.83 -29.41 26.95
C ILE A 586 7.16 -30.70 26.50
N PHE A 587 7.93 -31.64 25.94
CA PHE A 587 7.34 -32.87 25.46
C PHE A 587 6.67 -33.65 26.59
N GLU A 588 7.32 -33.72 27.74
CA GLU A 588 6.72 -34.46 28.85
C GLU A 588 5.55 -33.70 29.49
N SER A 589 5.74 -32.39 29.76
CA SER A 589 4.71 -31.65 30.53
C SER A 589 3.51 -31.19 29.68
N CYS A 590 3.69 -30.99 28.37
CA CYS A 590 2.59 -30.44 27.58
C CYS A 590 1.90 -31.49 26.72
N VAL A 591 2.64 -32.43 26.15
CA VAL A 591 2.06 -33.43 25.28
C VAL A 591 1.61 -34.66 26.05
N CYS A 592 2.51 -35.21 26.87
CA CYS A 592 2.21 -36.45 27.61
C CYS A 592 1.57 -36.26 28.99
N LYS A 593 1.48 -35.05 29.53
CA LYS A 593 0.74 -34.80 30.77
C LYS A 593 -0.46 -33.89 30.57
N LEU A 594 -0.27 -32.72 29.96
CA LEU A 594 -1.36 -31.76 29.83
C LEU A 594 -2.43 -32.24 28.86
N MET A 595 -2.03 -32.94 27.80
CA MET A 595 -2.97 -33.32 26.75
C MET A 595 -3.10 -34.83 26.64
N ALA A 596 -3.26 -35.51 27.77
CA ALA A 596 -3.25 -36.97 27.80
C ALA A 596 -4.49 -37.57 27.14
N ASN A 597 -5.66 -36.98 27.33
CA ASN A 597 -6.91 -37.57 26.86
C ASN A 597 -7.39 -36.91 25.58
N LYS A 598 -6.45 -36.57 24.70
CA LYS A 598 -6.73 -35.91 23.44
C LYS A 598 -6.20 -36.74 22.29
N THR A 599 -6.93 -36.75 21.18
CA THR A 599 -6.41 -37.31 19.94
C THR A 599 -5.33 -36.38 19.39
N ARG A 600 -4.16 -36.94 19.08
CA ARG A 600 -2.99 -36.13 18.78
C ARG A 600 -2.20 -36.73 17.64
N ILE A 601 -1.65 -35.85 16.80
CA ILE A 601 -0.72 -36.23 15.73
C ILE A 601 0.50 -35.31 15.82
N LEU A 602 1.70 -35.90 15.81
CA LEU A 602 2.92 -35.13 16.06
C LEU A 602 4.00 -35.56 15.07
N VAL A 603 4.55 -34.59 14.33
CA VAL A 603 5.65 -34.86 13.42
C VAL A 603 6.96 -34.81 14.18
N THR A 604 7.72 -35.91 14.15
CA THR A 604 8.95 -36.00 14.91
C THR A 604 9.90 -36.98 14.24
N SER A 605 11.20 -36.71 14.39
CA SER A 605 12.25 -37.61 13.94
C SER A 605 13.07 -38.18 15.09
N LYS A 606 12.62 -38.02 16.32
CA LYS A 606 13.37 -38.43 17.49
C LYS A 606 12.91 -39.80 17.97
N MET A 607 13.88 -40.64 18.31
CA MET A 607 13.56 -42.00 18.77
C MET A 607 12.90 -41.99 20.14
N GLU A 608 13.35 -41.10 21.03
CA GLU A 608 12.68 -40.94 22.32
C GLU A 608 11.22 -40.57 22.14
N HIS A 609 10.92 -39.71 21.16
CA HIS A 609 9.52 -39.35 20.92
C HIS A 609 8.75 -40.49 20.25
N LEU A 610 9.41 -41.25 19.38
CA LEU A 610 8.75 -42.40 18.77
C LEU A 610 8.49 -43.53 19.77
N LYS A 611 9.21 -43.55 20.89
CA LYS A 611 8.99 -44.61 21.88
C LYS A 611 7.61 -44.52 22.52
N LYS A 612 7.16 -43.30 22.83
CA LYS A 612 5.88 -43.12 23.57
C LYS A 612 4.67 -43.11 22.64
N ALA A 613 4.87 -43.13 21.31
CA ALA A 613 3.75 -43.04 20.40
C ALA A 613 3.00 -44.36 20.33
N ASP A 614 1.66 -44.29 20.38
CA ASP A 614 0.85 -45.49 20.23
C ASP A 614 1.00 -46.09 18.83
N LYS A 615 1.08 -45.24 17.82
CA LYS A 615 1.21 -45.66 16.43
C LYS A 615 2.35 -44.88 15.78
N ILE A 616 2.90 -45.43 14.71
CA ILE A 616 3.99 -44.82 13.97
C ILE A 616 3.70 -44.96 12.49
N LEU A 617 3.98 -43.90 11.73
CA LEU A 617 3.77 -43.86 10.29
C LEU A 617 5.01 -43.26 9.63
N ILE A 618 5.84 -44.11 9.05
CA ILE A 618 7.07 -43.66 8.39
C ILE A 618 6.81 -43.50 6.90
N LEU A 619 7.00 -42.27 6.42
CA LEU A 619 6.77 -41.95 4.99
C LEU A 619 8.11 -41.76 4.30
N HIS A 620 8.14 -41.94 2.98
CA HIS A 620 9.36 -41.79 2.18
C HIS A 620 8.96 -41.51 0.73
N GLU A 621 9.18 -40.28 0.28
CA GLU A 621 8.88 -39.86 -1.09
C GLU A 621 7.40 -40.06 -1.42
N GLY A 622 6.54 -39.71 -0.47
CA GLY A 622 5.11 -39.85 -0.65
C GLY A 622 4.61 -41.28 -0.73
N SER A 623 5.21 -42.19 0.03
CA SER A 623 4.78 -43.57 0.07
C SER A 623 4.92 -44.10 1.50
N SER A 624 3.98 -44.94 1.91
CA SER A 624 3.98 -45.43 3.29
C SER A 624 5.03 -46.52 3.47
N TYR A 625 6.25 -46.13 3.83
CA TYR A 625 7.32 -47.08 4.08
C TYR A 625 6.96 -48.00 5.25
N PHE A 626 6.36 -47.45 6.30
CA PHE A 626 6.03 -48.27 7.45
C PHE A 626 4.81 -47.71 8.15
N TYR A 627 4.05 -48.61 8.78
CA TYR A 627 2.90 -48.20 9.60
C TYR A 627 2.65 -49.26 10.64
N GLY A 628 2.75 -48.90 11.91
CA GLY A 628 2.53 -49.85 12.98
C GLY A 628 3.14 -49.35 14.28
N THR A 629 3.19 -50.26 15.26
CA THR A 629 3.70 -49.89 16.56
C THR A 629 5.22 -49.94 16.59
N PHE A 630 5.77 -49.43 17.70
CA PHE A 630 7.21 -49.53 17.96
C PHE A 630 7.64 -50.95 18.23
N SER A 631 6.70 -51.84 18.58
CA SER A 631 7.03 -53.26 18.73
C SER A 631 7.24 -53.94 17.39
N GLU A 632 6.52 -53.49 16.35
CA GLU A 632 6.71 -54.01 15.01
C GLU A 632 7.90 -53.40 14.29
N LEU A 633 8.31 -52.19 14.69
CA LEU A 633 9.45 -51.54 14.06
C LEU A 633 10.78 -52.07 14.59
N GLN A 634 10.85 -52.30 15.90
CA GLN A 634 12.04 -52.89 16.49
C GLN A 634 12.26 -54.31 15.98
N ASN A 635 11.16 -55.05 15.77
CA ASN A 635 11.26 -56.39 15.21
C ASN A 635 11.80 -56.34 13.78
N LEU A 636 11.37 -55.36 13.00
CA LEU A 636 11.87 -55.18 11.63
C LEU A 636 13.35 -54.85 11.62
N THR A 845 4.08 24.50 4.97
CA THR A 845 5.21 25.42 4.92
C THR A 845 5.71 25.56 3.49
N TRP A 846 6.17 26.76 3.14
CA TRP A 846 6.72 27.02 1.81
C TRP A 846 8.07 26.35 1.59
N ASN A 847 8.74 25.91 2.66
CA ASN A 847 9.97 25.16 2.51
C ASN A 847 9.76 23.89 1.68
N THR A 848 8.59 23.27 1.80
CA THR A 848 8.28 22.10 0.98
C THR A 848 8.23 22.45 -0.50
N TYR A 849 7.56 23.55 -0.83
CA TYR A 849 7.49 24.01 -2.21
C TYR A 849 8.86 24.33 -2.77
N LEU A 850 9.70 24.97 -1.97
CA LEU A 850 11.07 25.29 -2.40
C LEU A 850 11.89 24.03 -2.64
N ARG A 851 11.83 23.07 -1.70
CA ARG A 851 12.56 21.83 -1.86
C ARG A 851 12.13 21.09 -3.13
N TYR A 852 10.83 21.05 -3.39
CA TYR A 852 10.34 20.35 -4.57
C TYR A 852 10.82 21.02 -5.85
N ILE A 853 10.80 22.36 -5.89
CA ILE A 853 11.15 23.09 -7.11
C ILE A 853 12.64 22.96 -7.43
N THR A 854 13.49 22.86 -6.41
CA THR A 854 14.94 22.87 -6.60
C THR A 854 15.55 21.47 -6.68
N VAL A 855 14.75 20.44 -6.86
CA VAL A 855 15.28 19.08 -7.00
C VAL A 855 16.02 18.92 -8.33
N HIS A 856 15.51 19.55 -9.39
CA HIS A 856 16.01 19.37 -10.74
C HIS A 856 16.20 20.74 -11.37
N LYS A 857 17.33 20.92 -12.06
CA LYS A 857 17.65 22.22 -12.72
C LYS A 857 16.73 22.41 -13.93
N SER A 858 16.35 21.32 -14.61
CA SER A 858 15.50 21.45 -15.78
C SER A 858 14.18 22.12 -15.43
N LEU A 859 13.63 21.84 -14.25
CA LEU A 859 12.38 22.48 -13.84
C LEU A 859 12.55 23.99 -13.73
N ILE A 860 13.66 24.43 -13.13
CA ILE A 860 13.93 25.86 -13.00
C ILE A 860 14.07 26.50 -14.38
N PHE A 861 14.82 25.85 -15.29
CA PHE A 861 14.96 26.41 -16.63
C PHE A 861 13.61 26.51 -17.35
N VAL A 862 12.76 25.49 -17.24
CA VAL A 862 11.48 25.49 -17.92
C VAL A 862 10.57 26.58 -17.37
N LEU A 863 10.53 26.73 -16.05
CA LEU A 863 9.71 27.79 -15.45
C LEU A 863 10.19 29.18 -15.88
N ILE A 864 11.50 29.39 -15.92
CA ILE A 864 12.03 30.67 -16.37
C ILE A 864 11.61 30.94 -17.82
N TRP A 865 11.72 29.93 -18.68
CA TRP A 865 11.35 30.07 -20.08
C TRP A 865 9.88 30.43 -20.24
N CYS A 866 8.99 29.75 -19.50
CA CYS A 866 7.57 30.06 -19.56
C CYS A 866 7.29 31.49 -19.09
N LEU A 867 7.93 31.92 -18.01
CA LEU A 867 7.72 33.29 -17.54
C LEU A 867 8.18 34.32 -18.57
N VAL A 868 9.33 34.07 -19.21
CA VAL A 868 9.84 35.01 -20.21
C VAL A 868 8.85 35.14 -21.37
N ILE A 869 8.34 34.02 -21.85
CA ILE A 869 7.40 34.08 -22.97
C ILE A 869 6.10 34.75 -22.56
N PHE A 870 5.65 34.53 -21.32
CA PHE A 870 4.43 35.22 -20.81
C PHE A 870 4.67 36.74 -20.88
N LEU A 871 5.81 37.21 -20.38
CA LEU A 871 6.06 38.65 -20.38
C LEU A 871 6.14 39.22 -21.79
N ALA A 872 6.77 38.49 -22.71
CA ALA A 872 6.80 38.94 -24.10
C ALA A 872 5.40 39.05 -24.68
N GLU A 873 4.53 38.07 -24.40
CA GLU A 873 3.16 38.14 -24.90
C GLU A 873 2.39 39.32 -24.31
N VAL A 874 2.60 39.62 -23.04
CA VAL A 874 1.94 40.78 -22.43
C VAL A 874 2.39 42.07 -23.11
N ALA A 875 3.70 42.21 -23.35
CA ALA A 875 4.19 43.40 -24.04
C ALA A 875 3.63 43.50 -25.46
N ALA A 876 3.57 42.39 -26.18
CA ALA A 876 3.02 42.39 -27.53
C ALA A 876 1.55 42.82 -27.52
N SER A 877 0.76 42.29 -26.58
CA SER A 877 -0.63 42.70 -26.48
C SER A 877 -0.76 44.19 -26.16
N LEU A 878 0.11 44.71 -25.28
CA LEU A 878 0.04 46.13 -24.96
C LEU A 878 0.33 47.00 -26.18
N VAL A 879 1.36 46.65 -26.96
CA VAL A 879 1.69 47.49 -28.11
C VAL A 879 0.63 47.35 -29.20
N VAL A 880 0.02 46.17 -29.32
CA VAL A 880 -1.06 46.00 -30.28
C VAL A 880 -2.26 46.87 -29.90
N LEU A 881 -2.60 46.89 -28.61
CA LEU A 881 -3.67 47.76 -28.14
C LEU A 881 -3.35 49.23 -28.39
N TRP A 882 -2.11 49.62 -28.17
CA TRP A 882 -1.72 51.01 -28.44
C TRP A 882 -1.85 51.34 -29.92
N LEU A 883 -1.46 50.41 -30.80
CA LEU A 883 -1.61 50.63 -32.23
C LEU A 883 -3.06 50.83 -32.61
N LEU A 884 -3.96 49.99 -32.09
CA LEU A 884 -5.37 50.22 -32.36
C LEU A 884 -5.86 51.54 -31.76
N GLY A 885 -5.27 51.97 -30.64
CA GLY A 885 -5.64 53.26 -30.08
C GLY A 885 -5.29 54.42 -30.99
N ASN A 886 -4.09 54.40 -31.55
CA ASN A 886 -3.65 55.48 -32.44
C ASN A 886 -3.61 55.05 -33.90
N SER A 902 -18.86 46.57 -45.12
CA SER A 902 -19.35 45.35 -45.74
C SER A 902 -19.04 44.13 -44.88
N TYR A 903 -17.75 43.78 -44.78
CA TYR A 903 -17.36 42.66 -43.94
C TYR A 903 -17.61 42.96 -42.47
N ALA A 904 -17.42 44.22 -42.06
CA ALA A 904 -17.70 44.65 -40.70
C ALA A 904 -18.22 46.08 -40.72
N VAL A 905 -18.99 46.45 -39.71
CA VAL A 905 -19.58 47.78 -39.62
C VAL A 905 -19.02 48.51 -38.40
N ILE A 906 -17.88 49.19 -38.61
CA ILE A 906 -17.22 50.01 -37.54
C ILE A 906 -17.46 51.49 -37.82
N ILE A 907 -17.96 52.26 -36.85
CA ILE A 907 -18.19 53.70 -36.97
C ILE A 907 -17.38 54.41 -35.89
N THR A 908 -16.74 55.52 -36.26
CA THR A 908 -15.99 56.29 -35.26
C THR A 908 -16.91 56.92 -34.22
N SER A 909 -18.14 57.24 -34.62
CA SER A 909 -19.08 57.85 -33.69
C SER A 909 -19.53 56.85 -32.63
N THR A 910 -19.80 55.61 -33.04
CA THR A 910 -20.33 54.60 -32.13
C THR A 910 -19.83 53.24 -32.59
N SER A 911 -19.54 52.37 -31.62
CA SER A 911 -19.05 51.00 -31.76
C SER A 911 -17.56 50.94 -32.07
N SER A 912 -16.88 52.09 -32.08
CA SER A 912 -15.40 52.08 -32.24
C SER A 912 -14.78 51.55 -30.95
N TYR A 913 -15.45 51.77 -29.81
CA TYR A 913 -14.93 51.33 -28.52
C TYR A 913 -15.00 49.81 -28.38
N TYR A 914 -15.97 49.17 -29.05
CA TYR A 914 -16.20 47.74 -28.87
C TYR A 914 -14.97 46.90 -29.21
N VAL A 915 -14.07 47.45 -30.03
CA VAL A 915 -12.93 46.68 -30.55
C VAL A 915 -12.04 46.19 -29.41
N PHE A 916 -11.65 47.12 -28.52
CA PHE A 916 -10.75 46.77 -27.42
C PHE A 916 -11.34 45.68 -26.55
N TYR A 917 -12.66 45.71 -26.37
CA TYR A 917 -13.32 44.75 -25.51
C TYR A 917 -13.46 43.39 -26.17
N ILE A 918 -13.62 43.32 -27.49
CA ILE A 918 -13.45 42.03 -28.17
C ILE A 918 -12.05 41.48 -27.90
N TYR A 919 -11.04 42.36 -27.99
CA TYR A 919 -9.66 41.91 -27.79
C TYR A 919 -9.49 41.29 -26.40
N VAL A 920 -9.98 41.96 -25.36
CA VAL A 920 -9.89 41.35 -24.02
C VAL A 920 -10.71 40.08 -23.95
N GLY A 921 -11.82 40.01 -24.68
CA GLY A 921 -12.57 38.76 -24.75
C GLY A 921 -11.79 37.58 -25.30
N VAL A 922 -10.72 37.82 -26.05
CA VAL A 922 -9.98 36.68 -26.68
C VAL A 922 -8.76 36.34 -25.80
N ALA A 923 -8.67 36.92 -24.61
CA ALA A 923 -7.49 36.75 -23.76
C ALA A 923 -7.22 35.30 -23.37
N ASP A 924 -8.23 34.47 -23.16
CA ASP A 924 -8.06 33.04 -22.77
C ASP A 924 -7.24 32.29 -23.81
N THR A 925 -7.46 32.56 -25.10
CA THR A 925 -6.68 31.93 -26.15
C THR A 925 -5.40 32.69 -26.46
N LEU A 926 -5.35 34.00 -26.19
CA LEU A 926 -4.11 34.73 -26.40
C LEU A 926 -3.03 34.35 -25.40
N LEU A 927 -3.41 33.98 -24.17
CA LEU A 927 -2.44 33.70 -23.13
C LEU A 927 -2.22 32.20 -22.87
N ALA A 928 -2.75 31.33 -23.73
CA ALA A 928 -2.64 29.90 -23.48
C ALA A 928 -1.24 29.39 -23.76
N MET A 929 -0.81 28.37 -23.00
CA MET A 929 0.49 27.74 -23.19
C MET A 929 0.41 26.73 -24.32
N GLY A 930 1.32 26.84 -25.28
CA GLY A 930 1.37 25.93 -26.41
C GLY A 930 2.15 24.67 -26.08
N PHE A 931 2.47 23.91 -27.13
CA PHE A 931 3.18 22.66 -26.91
C PHE A 931 4.67 22.86 -26.69
N PHE A 932 5.19 24.08 -26.87
CA PHE A 932 6.57 24.39 -26.53
C PHE A 932 6.77 24.74 -25.06
N ARG A 933 5.69 24.95 -24.32
CA ARG A 933 5.77 25.33 -22.91
C ARG A 933 5.15 24.31 -21.96
N GLY A 934 4.26 23.45 -22.43
CA GLY A 934 3.58 22.51 -21.55
C GLY A 934 4.17 21.11 -21.49
N LEU A 935 4.51 20.58 -22.66
CA LEU A 935 5.11 19.26 -22.74
C LEU A 935 6.45 19.20 -21.99
N PRO A 936 7.36 20.17 -22.17
CA PRO A 936 8.57 20.15 -21.34
C PRO A 936 8.30 20.21 -19.86
N LEU A 937 7.27 20.97 -19.46
CA LEU A 937 6.90 21.18 -18.03
C LEU A 937 6.34 19.91 -17.40
N VAL A 938 5.57 19.10 -18.11
CA VAL A 938 5.11 17.81 -17.57
C VAL A 938 6.24 16.78 -17.62
N HIS A 939 7.06 16.79 -18.67
CA HIS A 939 8.20 15.87 -18.76
C HIS A 939 9.15 16.05 -17.57
N THR A 940 9.49 17.29 -17.25
CA THR A 940 10.44 17.56 -16.18
C THR A 940 9.86 17.22 -14.80
N LEU A 941 8.57 17.48 -14.59
CA LEU A 941 7.97 17.08 -13.32
C LEU A 941 8.01 15.56 -13.14
N ILE A 942 7.73 14.81 -14.22
CA ILE A 942 7.84 13.36 -14.12
C ILE A 942 9.29 12.91 -13.92
N THR A 943 10.27 13.71 -14.32
CA THR A 943 11.65 13.39 -13.95
C THR A 943 11.90 13.58 -12.45
N VAL A 944 11.33 14.65 -11.88
CA VAL A 944 11.47 14.89 -10.44
C VAL A 944 10.97 13.70 -9.64
N SER A 945 9.84 13.13 -10.07
CA SER A 945 9.28 11.98 -9.36
C SER A 945 10.25 10.78 -9.33
N LYS A 946 10.87 10.50 -10.48
CA LYS A 946 11.86 9.42 -10.55
C LYS A 946 12.99 9.63 -9.56
N ILE A 947 13.53 10.85 -9.52
CA ILE A 947 14.62 11.14 -8.59
C ILE A 947 14.19 10.89 -7.15
N LEU A 948 12.99 11.34 -6.78
CA LEU A 948 12.57 11.23 -5.39
C LEU A 948 12.38 9.77 -4.97
N HIS A 949 11.80 8.93 -5.85
CA HIS A 949 11.65 7.52 -5.49
C HIS A 949 13.01 6.87 -5.27
N HIS A 950 13.97 7.15 -6.14
CA HIS A 950 15.31 6.56 -5.95
C HIS A 950 15.91 6.98 -4.60
N LYS A 951 15.83 8.27 -4.27
CA LYS A 951 16.40 8.74 -3.01
C LYS A 951 15.74 8.09 -1.80
N MET A 952 14.41 7.96 -1.83
CA MET A 952 13.70 7.37 -0.70
C MET A 952 14.11 5.92 -0.48
N LEU A 953 14.20 5.14 -1.56
CA LEU A 953 14.60 3.74 -1.40
C LEU A 953 16.01 3.64 -0.84
N HIS A 954 16.94 4.46 -1.34
CA HIS A 954 18.31 4.41 -0.83
C HIS A 954 18.37 4.73 0.66
N SER A 955 17.67 5.79 1.09
CA SER A 955 17.65 6.18 2.52
C SER A 955 17.10 5.02 3.36
N VAL A 956 16.00 4.41 2.93
CA VAL A 956 15.38 3.30 3.71
C VAL A 956 16.41 2.19 3.86
N LEU A 957 17.09 1.82 2.78
CA LEU A 957 18.02 0.69 2.86
C LEU A 957 19.26 1.02 3.68
N GLN A 958 19.61 2.30 3.81
CA GLN A 958 20.79 2.67 4.59
C GLN A 958 20.48 3.00 6.05
N ALA A 959 19.22 2.96 6.47
CA ALA A 959 18.86 3.42 7.81
C ALA A 959 19.30 2.42 8.88
N PRO A 960 19.46 2.87 10.12
CA PRO A 960 19.80 1.95 11.21
C PRO A 960 18.63 1.04 11.58
N MET A 961 18.98 -0.12 12.15
CA MET A 961 17.96 -1.09 12.51
C MET A 961 17.07 -0.59 13.65
N SER A 962 17.66 0.19 14.57
CA SER A 962 16.88 0.75 15.67
C SER A 962 15.75 1.65 15.16
N THR A 963 15.97 2.30 14.03
CA THR A 963 14.96 3.11 13.36
C THR A 963 14.02 2.25 12.51
N LEU A 964 14.56 1.23 11.84
CA LEU A 964 13.72 0.42 10.95
C LEU A 964 12.76 -0.47 11.73
N ASN A 965 13.04 -0.76 13.00
CA ASN A 965 12.15 -1.64 13.78
C ASN A 965 10.96 -0.93 14.39
N THR A 966 10.68 0.31 14.01
CA THR A 966 9.52 1.05 14.53
C THR A 966 8.44 1.22 13.46
N LEU A 967 8.70 0.77 12.23
CA LEU A 967 7.80 0.98 11.10
C LEU A 967 6.85 -0.20 10.94
N LYS A 968 5.67 0.09 10.40
CA LYS A 968 4.63 -0.89 10.13
C LYS A 968 4.57 -1.18 8.65
N ALA A 969 4.47 -2.48 8.31
CA ALA A 969 4.45 -2.90 6.92
C ALA A 969 3.38 -2.16 6.13
N GLY A 970 2.21 -1.96 6.74
CA GLY A 970 1.17 -1.19 6.09
C GLY A 970 1.56 0.25 5.85
N GLY A 971 2.31 0.85 6.77
CA GLY A 971 2.78 2.21 6.56
C GLY A 971 3.79 2.35 5.45
N ILE A 972 4.75 1.43 5.38
CA ILE A 972 5.71 1.49 4.27
C ILE A 972 5.02 1.19 2.95
N LEU A 973 4.07 0.27 2.92
CA LEU A 973 3.28 0.03 1.73
C LEU A 973 2.46 1.27 1.34
N ASN A 974 1.91 1.96 2.34
CA ASN A 974 1.18 3.21 2.11
C ASN A 974 2.06 4.22 1.40
N ARG A 975 3.25 4.47 1.94
CA ARG A 975 4.14 5.47 1.35
C ARG A 975 4.62 5.06 -0.03
N PHE A 976 4.95 3.77 -0.23
CA PHE A 976 5.50 3.39 -1.53
C PHE A 976 4.44 3.12 -2.58
N SER A 977 3.15 3.08 -2.21
CA SER A 977 2.09 2.85 -3.18
C SER A 977 1.30 4.11 -3.52
N LYS A 978 0.82 4.85 -2.52
CA LYS A 978 -0.07 5.97 -2.81
C LYS A 978 0.72 7.25 -3.15
N ASP A 979 1.67 7.60 -2.28
CA ASP A 979 2.43 8.86 -2.46
C ASP A 979 3.15 8.86 -3.80
N ILE A 980 3.80 7.74 -4.16
CA ILE A 980 4.61 7.69 -5.41
C ILE A 980 3.70 7.95 -6.62
N ALA A 981 2.50 7.33 -6.61
CA ALA A 981 1.55 7.47 -7.72
C ALA A 981 1.09 8.93 -7.88
N ILE A 982 0.82 9.63 -6.78
CA ILE A 982 0.31 11.03 -6.87
C ILE A 982 1.37 11.89 -7.56
N LEU A 983 2.65 11.72 -7.17
CA LEU A 983 3.75 12.49 -7.81
C LEU A 983 3.89 12.09 -9.27
N ASP A 984 3.79 10.80 -9.57
CA ASP A 984 3.94 10.31 -10.97
C ASP A 984 2.80 10.77 -11.89
N ASP A 985 1.55 10.74 -11.41
CA ASP A 985 0.41 11.02 -12.32
C ASP A 985 -0.40 12.28 -11.96
N LEU A 986 -0.98 12.34 -10.77
CA LEU A 986 -1.89 13.45 -10.42
C LEU A 986 -1.21 14.83 -10.32
N LEU A 987 -0.04 14.94 -9.68
CA LEU A 987 0.59 16.27 -9.44
C LEU A 987 1.02 17.01 -10.73
N PRO A 988 1.67 16.39 -11.75
CA PRO A 988 2.17 17.15 -12.91
C PRO A 988 1.10 18.01 -13.61
N LEU A 989 -0.07 17.45 -13.91
CA LEU A 989 -1.16 18.13 -14.59
C LEU A 989 -1.97 19.03 -13.65
N THR A 990 -2.06 18.70 -12.36
CA THR A 990 -2.64 19.69 -11.45
C THR A 990 -1.82 20.98 -11.44
N ILE A 991 -0.49 20.86 -11.41
CA ILE A 991 0.36 22.03 -11.46
C ILE A 991 0.24 22.76 -12.80
N PHE A 992 0.12 22.01 -13.90
CA PHE A 992 -0.06 22.63 -15.22
C PHE A 992 -1.30 23.52 -15.24
N ASP A 993 -2.42 22.99 -14.71
CA ASP A 993 -3.70 23.75 -14.72
C ASP A 993 -3.59 24.98 -13.81
N PHE A 994 -2.99 24.84 -12.62
CA PHE A 994 -2.83 26.00 -11.74
C PHE A 994 -1.97 27.09 -12.37
N ILE A 995 -0.86 26.72 -13.01
CA ILE A 995 0.00 27.70 -13.68
C ILE A 995 -0.77 28.41 -14.78
N GLN A 996 -1.53 27.65 -15.58
CA GLN A 996 -2.29 28.26 -16.67
C GLN A 996 -3.26 29.33 -16.14
N LEU A 997 -4.04 28.98 -15.12
CA LEU A 997 -5.01 29.93 -14.59
C LEU A 997 -4.33 31.17 -14.01
N LEU A 998 -3.22 30.98 -13.28
CA LEU A 998 -2.51 32.13 -12.72
C LEU A 998 -2.04 33.08 -13.82
N LEU A 999 -1.46 32.54 -14.89
CA LEU A 999 -0.96 33.38 -15.97
C LEU A 999 -2.08 34.19 -16.60
N ILE A 1000 -3.20 33.53 -16.91
CA ILE A 1000 -4.31 34.25 -17.55
C ILE A 1000 -4.78 35.38 -16.66
N VAL A 1001 -4.93 35.12 -15.36
CA VAL A 1001 -5.45 36.16 -14.46
C VAL A 1001 -4.51 37.36 -14.42
N ILE A 1002 -3.20 37.10 -14.32
CA ILE A 1002 -2.25 38.21 -14.22
C ILE A 1002 -2.28 39.08 -15.47
N GLY A 1003 -2.22 38.43 -16.65
CA GLY A 1003 -2.23 39.21 -17.89
C GLY A 1003 -3.51 39.99 -18.07
N ALA A 1004 -4.65 39.37 -17.74
CA ALA A 1004 -5.93 40.06 -17.84
C ALA A 1004 -5.97 41.27 -16.93
N ILE A 1005 -5.47 41.15 -15.70
CA ILE A 1005 -5.49 42.28 -14.79
C ILE A 1005 -4.67 43.43 -15.36
N ALA A 1006 -3.48 43.15 -15.89
CA ALA A 1006 -2.66 44.23 -16.44
C ALA A 1006 -3.39 44.96 -17.58
N VAL A 1007 -3.87 44.20 -18.56
CA VAL A 1007 -4.47 44.82 -19.74
C VAL A 1007 -5.75 45.56 -19.37
N VAL A 1008 -6.60 45.07 -18.48
CA VAL A 1008 -7.92 45.74 -18.20
C VAL A 1008 -7.78 47.02 -17.36
N ALA A 1009 -6.72 47.16 -16.55
CA ALA A 1009 -6.49 48.37 -15.75
C ALA A 1009 -6.34 49.60 -16.63
N VAL A 1010 -5.66 49.48 -17.77
CA VAL A 1010 -5.42 50.64 -18.68
C VAL A 1010 -6.70 51.09 -19.39
N LEU A 1011 -7.48 50.14 -19.92
CA LEU A 1011 -8.78 50.49 -20.56
C LEU A 1011 -9.68 51.14 -19.51
N GLN A 1012 -10.16 50.36 -18.54
CA GLN A 1012 -10.96 50.96 -17.43
C GLN A 1012 -10.17 50.81 -16.13
N PRO A 1013 -9.72 51.92 -15.50
CA PRO A 1013 -9.01 51.86 -14.21
C PRO A 1013 -9.90 51.36 -13.07
N TYR A 1014 -11.18 51.77 -13.06
CA TYR A 1014 -12.10 51.41 -11.95
C TYR A 1014 -12.22 49.88 -11.79
N ILE A 1015 -12.08 49.12 -12.88
CA ILE A 1015 -12.14 47.64 -12.72
C ILE A 1015 -10.94 47.16 -11.88
N PHE A 1016 -9.75 47.72 -12.11
CA PHE A 1016 -8.54 47.30 -11.36
C PHE A 1016 -8.69 47.69 -9.89
N VAL A 1017 -9.12 48.93 -9.62
CA VAL A 1017 -9.26 49.43 -8.21
C VAL A 1017 -10.41 48.68 -7.51
N ALA A 1018 -11.14 47.82 -8.23
CA ALA A 1018 -12.15 46.97 -7.56
C ALA A 1018 -11.79 45.46 -7.53
N THR A 1019 -11.03 44.97 -8.51
CA THR A 1019 -10.60 43.55 -8.48
C THR A 1019 -9.76 43.27 -7.23
N VAL A 1020 -8.90 44.19 -6.82
CA VAL A 1020 -7.96 43.90 -5.68
C VAL A 1020 -8.70 43.61 -4.37
N PRO A 1021 -9.72 44.37 -3.92
CA PRO A 1021 -10.49 44.01 -2.71
C PRO A 1021 -10.92 42.53 -2.71
N VAL A 1022 -11.39 42.02 -3.85
CA VAL A 1022 -11.82 40.63 -3.95
C VAL A 1022 -10.62 39.70 -3.76
N ILE A 1023 -9.50 40.02 -4.42
CA ILE A 1023 -8.30 39.20 -4.30
C ILE A 1023 -7.82 39.17 -2.86
N VAL A 1024 -7.87 40.31 -2.18
CA VAL A 1024 -7.45 40.36 -0.78
C VAL A 1024 -8.35 39.45 0.08
N ALA A 1025 -9.67 39.52 -0.12
CA ALA A 1025 -10.58 38.69 0.66
C ALA A 1025 -10.34 37.20 0.41
N PHE A 1026 -10.14 36.82 -0.85
CA PHE A 1026 -9.88 35.43 -1.18
C PHE A 1026 -8.59 34.94 -0.52
N ILE A 1027 -7.54 35.76 -0.53
CA ILE A 1027 -6.28 35.37 0.11
C ILE A 1027 -6.47 35.16 1.61
N MET A 1028 -7.13 36.11 2.29
CA MET A 1028 -7.29 35.96 3.73
C MET A 1028 -8.11 34.73 4.09
N LEU A 1029 -9.19 34.46 3.34
CA LEU A 1029 -9.98 33.26 3.61
C LEU A 1029 -9.19 31.98 3.35
N ARG A 1030 -8.41 31.92 2.27
CA ARG A 1030 -7.60 30.75 2.00
C ARG A 1030 -6.61 30.48 3.12
N ALA A 1031 -5.96 31.55 3.61
CA ALA A 1031 -4.99 31.39 4.70
C ALA A 1031 -5.66 30.90 5.96
N TYR A 1032 -6.88 31.38 6.25
CA TYR A 1032 -7.60 30.88 7.43
C TYR A 1032 -7.93 29.40 7.28
N PHE A 1033 -8.37 28.98 6.09
CA PHE A 1033 -8.87 27.62 5.91
C PHE A 1033 -7.74 26.59 5.93
N LEU A 1034 -6.59 26.93 5.34
CA LEU A 1034 -5.57 25.91 5.14
C LEU A 1034 -4.89 25.47 6.43
N GLN A 1035 -4.87 26.31 7.47
CA GLN A 1035 -4.29 25.91 8.75
C GLN A 1035 -4.93 24.63 9.28
N THR A 1036 -6.24 24.53 9.17
CA THR A 1036 -6.97 23.36 9.65
C THR A 1036 -7.07 22.26 8.59
N SER A 1037 -7.21 22.64 7.32
CA SER A 1037 -7.33 21.62 6.29
C SER A 1037 -6.03 20.82 6.10
N GLN A 1038 -4.86 21.42 6.34
CA GLN A 1038 -3.63 20.65 6.28
C GLN A 1038 -3.53 19.62 7.41
N GLN A 1039 -3.93 19.98 8.62
CA GLN A 1039 -3.98 19.03 9.75
C GLN A 1039 -4.98 17.89 9.48
N LEU A 1040 -6.15 18.18 8.93
CA LEU A 1040 -7.09 17.12 8.60
C LEU A 1040 -6.57 16.23 7.47
N LYS A 1041 -5.90 16.81 6.48
CA LYS A 1041 -5.28 16.04 5.41
C LYS A 1041 -4.19 15.11 5.92
N GLN A 1042 -3.35 15.58 6.84
CA GLN A 1042 -2.33 14.71 7.41
C GLN A 1042 -2.95 13.55 8.17
N LEU A 1043 -3.99 13.82 8.96
CA LEU A 1043 -4.67 12.74 9.68
C LEU A 1043 -5.26 11.71 8.72
N GLU A 1044 -5.94 12.19 7.67
CA GLU A 1044 -6.54 11.28 6.67
C GLU A 1044 -5.43 10.44 6.02
N SER A 1045 -4.33 11.07 5.60
CA SER A 1045 -3.25 10.35 4.95
C SER A 1045 -2.69 9.26 5.86
N GLU A 1046 -2.64 9.54 7.17
CA GLU A 1046 -2.12 8.55 8.14
C GLU A 1046 -3.16 7.47 8.43
N GLY A 1047 -4.43 7.69 8.07
CA GLY A 1047 -5.47 6.74 8.41
C GLY A 1047 -5.55 5.48 7.55
N ARG A 1048 -4.71 5.35 6.54
CA ARG A 1048 -4.78 4.18 5.61
C ARG A 1048 -3.83 3.06 6.04
N SER A 1049 -2.80 3.36 6.84
CA SER A 1049 -1.83 2.36 7.30
C SER A 1049 -2.45 1.20 8.07
N PRO A 1050 -3.35 1.40 9.05
CA PRO A 1050 -3.93 0.23 9.72
C PRO A 1050 -4.71 -0.69 8.80
N ILE A 1051 -5.39 -0.14 7.79
CA ILE A 1051 -6.08 -0.99 6.83
C ILE A 1051 -5.10 -1.84 6.05
N PHE A 1052 -4.03 -1.23 5.52
CA PHE A 1052 -3.04 -2.03 4.80
C PHE A 1052 -2.38 -3.07 5.71
N THR A 1053 -2.10 -2.70 6.96
CA THR A 1053 -1.42 -3.61 7.88
C THR A 1053 -2.30 -4.82 8.22
N HIS A 1054 -3.59 -4.59 8.48
CA HIS A 1054 -4.49 -5.71 8.74
C HIS A 1054 -4.62 -6.60 7.52
N LEU A 1055 -4.67 -6.00 6.33
CA LEU A 1055 -4.71 -6.82 5.12
C LEU A 1055 -3.49 -7.72 5.01
N VAL A 1056 -2.29 -7.16 5.22
CA VAL A 1056 -1.06 -7.94 5.11
C VAL A 1056 -1.05 -9.07 6.14
N THR A 1057 -1.40 -8.75 7.38
CA THR A 1057 -1.37 -9.76 8.44
C THR A 1057 -2.36 -10.89 8.18
N SER A 1058 -3.58 -10.55 7.74
CA SER A 1058 -4.59 -11.58 7.50
C SER A 1058 -4.21 -12.45 6.32
N LEU A 1059 -3.62 -11.88 5.27
CA LEU A 1059 -3.15 -12.71 4.18
C LEU A 1059 -1.99 -13.61 4.61
N LYS A 1060 -1.22 -13.18 5.61
CA LYS A 1060 -0.13 -14.02 6.10
C LYS A 1060 -0.66 -15.20 6.94
N GLY A 1061 -1.65 -14.97 7.79
CA GLY A 1061 -2.11 -16.03 8.69
C GLY A 1061 -3.37 -16.76 8.28
N LEU A 1062 -3.55 -17.02 6.98
CA LEU A 1062 -4.84 -17.48 6.47
C LEU A 1062 -5.16 -18.91 6.89
N TRP A 1063 -4.19 -19.82 6.77
CA TRP A 1063 -4.43 -21.22 7.11
C TRP A 1063 -4.73 -21.38 8.60
N THR A 1064 -4.01 -20.67 9.45
CA THR A 1064 -4.29 -20.67 10.89
C THR A 1064 -5.67 -20.08 11.19
N LEU A 1065 -6.02 -18.96 10.55
CA LEU A 1065 -7.34 -18.38 10.76
C LEU A 1065 -8.46 -19.33 10.36
N ARG A 1066 -8.33 -19.97 9.20
CA ARG A 1066 -9.35 -20.92 8.77
C ARG A 1066 -9.42 -22.13 9.68
N ALA A 1067 -8.26 -22.65 10.12
CA ALA A 1067 -8.26 -23.83 10.98
C ALA A 1067 -8.92 -23.55 12.32
N PHE A 1068 -8.59 -22.43 12.95
CA PHE A 1068 -9.16 -22.13 14.26
C PHE A 1068 -10.62 -21.71 14.14
N GLY A 1069 -10.95 -20.87 13.17
CA GLY A 1069 -12.31 -20.40 13.00
C GLY A 1069 -12.56 -19.03 13.59
N ARG A 1070 -11.68 -18.07 13.33
CA ARG A 1070 -11.77 -16.73 13.89
C ARG A 1070 -12.04 -15.67 12.81
N GLN A 1071 -12.68 -16.08 11.73
CA GLN A 1071 -13.08 -15.21 10.64
C GLN A 1071 -14.00 -14.09 11.12
N PRO A 1072 -15.00 -14.33 11.96
CA PRO A 1072 -15.81 -13.20 12.46
C PRO A 1072 -15.00 -12.18 13.24
N TYR A 1073 -14.06 -12.65 14.07
CA TYR A 1073 -13.22 -11.75 14.85
C TYR A 1073 -12.36 -10.88 13.94
N PHE A 1074 -11.78 -11.47 12.91
CA PHE A 1074 -10.97 -10.67 11.99
C PHE A 1074 -11.82 -9.72 11.15
N GLU A 1075 -13.03 -10.10 10.77
CA GLU A 1075 -13.91 -9.18 10.07
C GLU A 1075 -14.29 -7.98 10.94
N THR A 1076 -14.54 -8.22 12.23
CA THR A 1076 -14.82 -7.12 13.15
C THR A 1076 -13.64 -6.15 13.23
N LEU A 1077 -12.41 -6.67 13.34
CA LEU A 1077 -11.27 -5.77 13.42
C LEU A 1077 -11.08 -4.96 12.13
N PHE A 1078 -11.30 -5.59 10.97
CA PHE A 1078 -11.21 -4.84 9.72
C PHE A 1078 -12.25 -3.71 9.67
N HIS A 1079 -13.47 -3.98 10.11
CA HIS A 1079 -14.48 -2.93 10.15
C HIS A 1079 -14.08 -1.79 11.08
N LYS A 1080 -13.42 -2.11 12.20
CA LYS A 1080 -12.92 -1.07 13.09
C LYS A 1080 -11.96 -0.12 12.37
N ALA A 1081 -10.98 -0.69 11.64
CA ALA A 1081 -10.05 0.18 10.91
C ALA A 1081 -10.75 1.00 9.82
N LEU A 1082 -11.72 0.40 9.13
CA LEU A 1082 -12.48 1.14 8.12
C LEU A 1082 -13.15 2.37 8.73
N ASN A 1083 -13.82 2.20 9.87
CA ASN A 1083 -14.47 3.34 10.52
C ASN A 1083 -13.45 4.40 10.92
N LEU A 1084 -12.27 3.96 11.38
CA LEU A 1084 -11.23 4.92 11.75
C LEU A 1084 -10.87 5.84 10.57
N HIS A 1085 -10.68 5.26 9.38
CA HIS A 1085 -10.40 6.13 8.23
C HIS A 1085 -11.60 7.00 7.85
N THR A 1086 -12.81 6.45 7.98
CA THR A 1086 -14.02 7.17 7.57
C THR A 1086 -14.20 8.47 8.35
N ALA A 1087 -13.89 8.47 9.65
CA ALA A 1087 -14.10 9.68 10.45
C ALA A 1087 -13.34 10.88 9.88
N ASN A 1088 -12.03 10.73 9.70
CA ASN A 1088 -11.21 11.83 9.22
C ASN A 1088 -11.56 12.21 7.79
N TRP A 1089 -11.83 11.23 6.92
CA TRP A 1089 -12.18 11.58 5.54
C TRP A 1089 -13.48 12.40 5.49
N PHE A 1090 -14.49 12.02 6.28
CA PHE A 1090 -15.74 12.76 6.33
C PHE A 1090 -15.54 14.19 6.83
N LEU A 1091 -14.74 14.37 7.90
CA LEU A 1091 -14.50 15.71 8.40
C LEU A 1091 -13.79 16.59 7.38
N TYR A 1092 -12.79 16.04 6.68
CA TYR A 1092 -12.06 16.79 5.66
C TYR A 1092 -12.98 17.24 4.51
N LEU A 1093 -13.83 16.34 4.02
CA LEU A 1093 -14.75 16.73 2.96
C LEU A 1093 -15.74 17.81 3.41
N SER A 1094 -16.26 17.71 4.64
CA SER A 1094 -17.18 18.73 5.12
C SER A 1094 -16.53 20.10 5.20
N THR A 1095 -15.31 20.18 5.75
CA THR A 1095 -14.65 21.48 5.84
C THR A 1095 -14.36 22.06 4.45
N LEU A 1096 -13.97 21.21 3.50
CA LEU A 1096 -13.75 21.69 2.14
C LEU A 1096 -15.02 22.31 1.54
N ARG A 1097 -16.15 21.64 1.74
CA ARG A 1097 -17.41 22.20 1.22
C ARG A 1097 -17.73 23.55 1.86
N TRP A 1098 -17.48 23.68 3.17
CA TRP A 1098 -17.71 24.97 3.83
C TRP A 1098 -16.87 26.07 3.18
N PHE A 1099 -15.59 25.78 2.92
CA PHE A 1099 -14.73 26.80 2.32
C PHE A 1099 -15.25 27.24 0.96
N GLN A 1100 -15.60 26.28 0.11
CA GLN A 1100 -16.04 26.65 -1.24
C GLN A 1100 -17.34 27.46 -1.22
N MET A 1101 -18.26 27.08 -0.33
CA MET A 1101 -19.55 27.82 -0.19
C MET A 1101 -19.27 29.27 0.23
N ARG A 1102 -18.33 29.48 1.17
CA ARG A 1102 -18.04 30.85 1.62
C ARG A 1102 -17.39 31.68 0.52
N ILE A 1103 -16.53 31.05 -0.30
CA ILE A 1103 -15.88 31.78 -1.43
C ILE A 1103 -16.97 32.29 -2.37
N GLU A 1104 -17.96 31.46 -2.67
CA GLU A 1104 -19.07 31.85 -3.58
C GLU A 1104 -19.85 33.01 -2.98
N MET A 1105 -20.07 32.99 -1.65
CA MET A 1105 -20.85 34.07 -0.98
C MET A 1105 -20.13 35.41 -1.15
N ILE A 1106 -18.80 35.41 -1.00
CA ILE A 1106 -18.00 36.66 -1.18
C ILE A 1106 -18.15 37.15 -2.63
N PHE A 1107 -18.10 36.22 -3.60
CA PHE A 1107 -18.26 36.58 -5.03
C PHE A 1107 -19.65 37.22 -5.21
N VAL A 1108 -20.69 36.63 -4.62
CA VAL A 1108 -22.08 37.15 -4.80
C VAL A 1108 -22.15 38.56 -4.20
N ILE A 1109 -21.65 38.74 -2.97
CA ILE A 1109 -21.77 40.04 -2.31
C ILE A 1109 -21.09 41.12 -3.15
N PHE A 1110 -19.87 40.84 -3.59
CA PHE A 1110 -19.09 41.87 -4.34
C PHE A 1110 -19.78 42.20 -5.67
N PHE A 1111 -20.35 41.19 -6.34
CA PHE A 1111 -21.05 41.46 -7.60
C PHE A 1111 -22.33 42.24 -7.38
N ILE A 1112 -23.08 41.95 -6.30
CA ILE A 1112 -24.28 42.73 -6.02
C ILE A 1112 -23.92 44.19 -5.83
N ALA A 1113 -22.86 44.45 -5.06
CA ALA A 1113 -22.46 45.84 -4.82
C ALA A 1113 -22.03 46.54 -6.12
N VAL A 1114 -21.22 45.86 -6.94
CA VAL A 1114 -20.73 46.49 -8.17
C VAL A 1114 -21.89 46.77 -9.12
N THR A 1115 -22.84 45.83 -9.24
CA THR A 1115 -23.92 46.01 -10.19
C THR A 1115 -24.87 47.11 -9.74
N PHE A 1116 -25.18 47.17 -8.45
CA PHE A 1116 -26.06 48.25 -7.99
C PHE A 1116 -25.40 49.61 -8.10
N ILE A 1117 -24.10 49.71 -7.80
CA ILE A 1117 -23.44 51.00 -7.94
C ILE A 1117 -23.37 51.41 -9.42
N SER A 1118 -23.12 50.45 -10.31
CA SER A 1118 -23.06 50.79 -11.74
C SER A 1118 -24.42 51.26 -12.24
N ILE A 1119 -25.49 50.57 -11.84
CA ILE A 1119 -26.82 50.98 -12.28
C ILE A 1119 -27.17 52.36 -11.72
N LEU A 1120 -26.75 52.63 -10.48
CA LEU A 1120 -27.01 53.96 -9.86
C LEU A 1120 -26.25 55.03 -10.65
N THR A 1121 -24.96 54.80 -10.91
CA THR A 1121 -24.15 55.76 -11.65
C THR A 1121 -24.21 55.48 -13.16
N GLY A 1127 -24.37 53.29 -20.16
CA GLY A 1127 -23.74 53.25 -21.46
C GLY A 1127 -22.79 52.07 -21.59
N ARG A 1128 -21.66 52.16 -20.89
CA ARG A 1128 -20.69 51.08 -20.84
C ARG A 1128 -20.86 50.22 -19.60
N VAL A 1129 -21.97 50.41 -18.87
CA VAL A 1129 -22.21 49.67 -17.64
C VAL A 1129 -22.29 48.18 -17.93
N GLY A 1130 -23.01 47.80 -18.99
CA GLY A 1130 -23.15 46.38 -19.32
C GLY A 1130 -21.84 45.75 -19.74
N ILE A 1131 -21.04 46.47 -20.53
CA ILE A 1131 -19.73 45.98 -20.93
C ILE A 1131 -18.85 45.75 -19.71
N ILE A 1132 -18.85 46.72 -18.78
CA ILE A 1132 -18.02 46.60 -17.59
C ILE A 1132 -18.50 45.45 -16.71
N LEU A 1133 -19.82 45.23 -16.63
CA LEU A 1133 -20.33 44.08 -15.89
C LEU A 1133 -19.83 42.76 -16.51
N THR A 1134 -19.87 42.65 -17.83
CA THR A 1134 -19.38 41.45 -18.49
C THR A 1134 -17.91 41.21 -18.17
N LEU A 1135 -17.08 42.25 -18.32
CA LEU A 1135 -15.65 42.11 -18.05
C LEU A 1135 -15.39 41.70 -16.60
N ALA A 1136 -16.07 42.38 -15.66
CA ALA A 1136 -15.90 42.11 -14.25
C ALA A 1136 -16.21 40.65 -13.93
N MET A 1137 -17.28 40.13 -14.51
CA MET A 1137 -17.74 38.73 -14.24
C MET A 1137 -16.74 37.73 -14.80
N ASN A 1138 -16.17 38.03 -15.95
CA ASN A 1138 -15.18 37.10 -16.47
C ASN A 1138 -13.96 37.04 -15.55
N ILE A 1139 -13.49 38.20 -15.10
CA ILE A 1139 -12.28 38.25 -14.23
C ILE A 1139 -12.58 37.54 -12.89
N MET A 1140 -13.76 37.77 -12.30
CA MET A 1140 -14.06 37.20 -10.99
C MET A 1140 -14.21 35.68 -11.06
N SER A 1141 -14.85 35.18 -12.11
CA SER A 1141 -15.01 33.73 -12.24
C SER A 1141 -13.67 33.03 -12.46
N THR A 1142 -12.79 33.63 -13.27
CA THR A 1142 -11.46 33.04 -13.39
C THR A 1142 -10.69 33.07 -12.08
N LEU A 1143 -10.84 34.13 -11.28
CA LEU A 1143 -10.21 34.17 -9.96
C LEU A 1143 -10.72 33.05 -9.06
N GLN A 1144 -12.03 32.81 -9.06
CA GLN A 1144 -12.57 31.72 -8.24
C GLN A 1144 -12.02 30.37 -8.70
N TRP A 1145 -11.93 30.15 -10.01
CA TRP A 1145 -11.37 28.91 -10.53
C TRP A 1145 -9.93 28.72 -10.06
N ALA A 1146 -9.11 29.78 -10.13
CA ALA A 1146 -7.73 29.68 -9.69
C ALA A 1146 -7.63 29.41 -8.18
N VAL A 1147 -8.48 30.05 -7.39
CA VAL A 1147 -8.47 29.83 -5.94
C VAL A 1147 -8.83 28.39 -5.59
N ASN A 1148 -9.73 27.75 -6.34
CA ASN A 1148 -10.00 26.34 -6.09
C ASN A 1148 -8.85 25.43 -6.55
N SER A 1149 -8.22 25.75 -7.68
CA SER A 1149 -7.10 24.95 -8.15
C SER A 1149 -5.93 25.01 -7.17
N SER A 1150 -5.71 26.16 -6.52
CA SER A 1150 -4.63 26.25 -5.54
C SER A 1150 -4.89 25.34 -4.34
N ILE A 1151 -6.15 25.25 -3.91
CA ILE A 1151 -6.49 24.34 -2.82
C ILE A 1151 -6.23 22.90 -3.22
N ASP A 1152 -6.55 22.54 -4.47
CA ASP A 1152 -6.23 21.19 -4.93
C ASP A 1152 -4.72 20.93 -4.90
N VAL A 1153 -3.92 21.88 -5.37
CA VAL A 1153 -2.47 21.69 -5.39
C VAL A 1153 -1.92 21.55 -3.97
N ASP A 1154 -2.39 22.38 -3.05
CA ASP A 1154 -1.95 22.29 -1.65
C ASP A 1154 -2.34 20.94 -1.05
N SER A 1155 -3.51 20.43 -1.42
CA SER A 1155 -3.90 19.10 -0.97
C SER A 1155 -2.91 18.04 -1.46
N LEU A 1156 -2.48 18.15 -2.71
CA LEU A 1156 -1.58 17.14 -3.27
C LEU A 1156 -0.14 17.26 -2.78
N MET A 1157 0.29 18.41 -2.24
CA MET A 1157 1.67 18.56 -1.79
C MET A 1157 1.98 17.89 -0.44
N ARG A 1158 0.96 17.40 0.27
CA ARG A 1158 1.22 16.72 1.55
C ARG A 1158 1.95 15.39 1.33
N SER A 1159 1.72 14.73 0.21
CA SER A 1159 2.48 13.52 -0.13
C SER A 1159 3.95 13.84 -0.42
N VAL A 1160 4.22 14.97 -1.06
CA VAL A 1160 5.60 15.42 -1.21
C VAL A 1160 6.24 15.59 0.16
N SER A 1161 5.53 16.21 1.10
CA SER A 1161 6.08 16.37 2.45
C SER A 1161 6.36 15.03 3.12
N ARG A 1162 5.45 14.06 2.98
CA ARG A 1162 5.68 12.73 3.56
C ARG A 1162 6.91 12.05 2.96
N VAL A 1163 7.07 12.16 1.62
CA VAL A 1163 8.22 11.56 0.97
C VAL A 1163 9.51 12.18 1.48
N PHE A 1164 9.54 13.50 1.61
CA PHE A 1164 10.73 14.15 2.16
C PHE A 1164 11.00 13.72 3.59
N LYS A 1165 9.93 13.48 4.36
CA LYS A 1165 10.08 13.02 5.76
C LYS A 1165 10.82 11.68 5.78
N PHE A 1166 10.45 10.76 4.87
CA PHE A 1166 11.09 9.43 4.80
C PHE A 1166 12.50 9.53 4.22
N ILE A 1167 12.74 10.53 3.36
CA ILE A 1167 14.09 10.76 2.82
C ILE A 1167 15.02 11.28 3.91
N ASP A 1168 14.49 12.02 4.87
CA ASP A 1168 15.30 12.59 5.96
C ASP A 1168 15.39 11.62 7.15
N MET A 1169 15.93 10.44 6.85
CA MET A 1169 16.12 9.43 7.92
C MET A 1169 17.63 9.30 8.21
N PRO A 1170 18.09 9.04 9.46
CA PRO A 1170 19.52 8.98 9.77
C PRO A 1170 20.20 7.81 9.07
N THR A 1171 21.50 7.98 8.82
CA THR A 1171 22.30 6.91 8.24
C THR A 1171 22.76 5.96 9.32
N GLU A 1172 22.95 4.69 8.94
CA GLU A 1172 23.30 3.66 9.91
C GLU A 1172 24.64 3.96 10.58
N GLY A 1173 25.62 4.38 9.80
CA GLY A 1173 26.92 4.71 10.36
C GLY A 1173 27.80 5.54 9.44
N ILE A 1203 43.21 -9.64 1.30
CA ILE A 1203 44.52 -9.31 1.94
C ILE A 1203 44.32 -9.30 3.46
N TRP A 1204 43.60 -8.29 3.97
CA TRP A 1204 43.30 -8.21 5.43
C TRP A 1204 42.71 -9.52 5.94
N PRO A 1205 41.60 -10.09 5.41
CA PRO A 1205 41.11 -11.38 5.89
C PRO A 1205 42.10 -12.47 5.44
N SER A 1206 42.96 -12.92 6.36
CA SER A 1206 43.96 -13.97 6.01
C SER A 1206 43.86 -15.09 7.05
N GLY A 1207 44.57 -14.96 8.18
CA GLY A 1207 44.44 -15.96 9.26
C GLY A 1207 42.99 -16.13 9.70
N GLY A 1208 42.24 -15.03 9.81
CA GLY A 1208 40.87 -15.12 10.34
C GLY A 1208 40.86 -15.07 11.86
N GLN A 1209 42.01 -14.75 12.48
CA GLN A 1209 42.11 -14.66 13.96
C GLN A 1209 41.20 -13.52 14.45
N MET A 1210 40.53 -13.71 15.60
CA MET A 1210 39.58 -12.68 16.08
C MET A 1210 39.72 -12.44 17.58
N THR A 1211 39.81 -11.16 17.99
CA THR A 1211 39.86 -10.81 19.41
C THR A 1211 38.68 -9.92 19.76
N VAL A 1212 38.15 -10.11 20.97
CA VAL A 1212 37.02 -9.35 21.49
C VAL A 1212 37.39 -8.85 22.89
N LYS A 1213 37.10 -7.58 23.17
CA LYS A 1213 37.51 -6.96 24.43
C LYS A 1213 36.41 -6.02 24.93
N ASP A 1214 35.85 -6.35 26.10
CA ASP A 1214 34.90 -5.52 26.84
C ASP A 1214 33.70 -5.12 25.98
N LEU A 1215 33.11 -6.10 25.33
CA LEU A 1215 32.02 -5.87 24.39
C LEU A 1215 30.70 -5.89 25.14
N THR A 1216 29.88 -4.86 24.93
CA THR A 1216 28.53 -4.75 25.48
C THR A 1216 27.57 -4.44 24.33
N ALA A 1217 26.41 -5.08 24.34
CA ALA A 1217 25.46 -4.98 23.25
C ALA A 1217 24.05 -4.75 23.78
N LYS A 1218 23.32 -3.83 23.17
CA LYS A 1218 21.92 -3.59 23.49
C LYS A 1218 21.18 -3.20 22.21
N TYR A 1219 19.85 -3.29 22.27
CA TYR A 1219 19.04 -2.99 21.09
C TYR A 1219 18.58 -1.54 21.04
N THR A 1220 18.45 -0.88 22.18
CA THR A 1220 18.02 0.51 22.25
C THR A 1220 18.93 1.28 23.20
N GLU A 1221 19.13 2.56 22.88
CA GLU A 1221 19.83 3.44 23.82
C GLU A 1221 19.02 3.60 25.10
N GLY A 1222 19.69 3.49 26.24
CA GLY A 1222 19.00 3.50 27.51
C GLY A 1222 18.23 2.23 27.81
N GLY A 1223 18.44 1.17 27.05
CA GLY A 1223 17.80 -0.10 27.29
C GLY A 1223 18.70 -1.06 28.03
N ASN A 1224 18.11 -2.15 28.52
CA ASN A 1224 18.86 -3.17 29.23
C ASN A 1224 19.86 -3.85 28.31
N ALA A 1225 21.04 -4.14 28.84
CA ALA A 1225 22.09 -4.78 28.06
C ALA A 1225 21.87 -6.29 28.02
N ILE A 1226 21.64 -6.82 26.82
CA ILE A 1226 21.46 -8.26 26.67
C ILE A 1226 22.76 -8.99 27.01
N LEU A 1227 23.88 -8.49 26.50
CA LEU A 1227 25.21 -9.00 26.79
C LEU A 1227 26.02 -7.92 27.48
N GLU A 1228 26.89 -8.32 28.42
CA GLU A 1228 27.66 -7.35 29.18
C GLU A 1228 29.02 -7.92 29.54
N ASN A 1229 30.07 -7.17 29.22
CA ASN A 1229 31.46 -7.48 29.58
C ASN A 1229 31.97 -8.74 28.88
N ILE A 1230 31.77 -8.82 27.57
CA ILE A 1230 32.25 -9.97 26.80
C ILE A 1230 33.73 -9.79 26.49
N SER A 1231 34.49 -10.88 26.58
CA SER A 1231 35.92 -10.89 26.26
C SER A 1231 36.40 -12.30 25.96
N PHE A 1232 36.95 -12.53 24.76
CA PHE A 1232 37.56 -13.81 24.42
C PHE A 1232 38.49 -13.63 23.23
N SER A 1233 39.01 -14.76 22.74
CA SER A 1233 39.96 -14.78 21.63
C SER A 1233 39.80 -16.10 20.88
N ILE A 1234 39.93 -16.05 19.56
CA ILE A 1234 39.78 -17.23 18.70
C ILE A 1234 40.98 -17.33 17.78
N SER A 1235 41.63 -18.50 17.77
CA SER A 1235 42.77 -18.75 16.91
C SER A 1235 42.34 -18.92 15.46
N PRO A 1236 43.24 -18.71 14.51
CA PRO A 1236 42.88 -18.88 13.10
C PRO A 1236 42.66 -20.35 12.74
N GLY A 1237 41.74 -20.56 11.81
CA GLY A 1237 41.42 -21.91 11.35
C GLY A 1237 40.90 -22.82 12.44
N GLN A 1238 40.10 -22.29 13.35
CA GLN A 1238 39.58 -23.03 14.49
C GLN A 1238 38.06 -23.04 14.46
N ARG A 1239 37.48 -24.14 14.96
CA ARG A 1239 36.00 -24.28 15.02
C ARG A 1239 35.52 -24.00 16.44
N VAL A 1240 34.53 -23.11 16.59
CA VAL A 1240 33.95 -22.75 17.88
C VAL A 1240 32.49 -23.16 17.88
N GLY A 1241 32.05 -23.74 19.00
CA GLY A 1241 30.66 -24.08 19.18
C GLY A 1241 29.96 -23.17 20.18
N LEU A 1242 28.92 -22.49 19.73
CA LEU A 1242 28.20 -21.55 20.58
C LEU A 1242 26.94 -22.22 21.13
N LEU A 1243 26.81 -22.22 22.45
CA LEU A 1243 25.71 -22.92 23.10
C LEU A 1243 24.98 -22.02 24.09
N GLY A 1244 23.74 -22.39 24.39
CA GLY A 1244 22.89 -21.69 25.34
C GLY A 1244 21.43 -22.05 25.24
N ARG A 1245 20.67 -21.80 26.31
CA ARG A 1245 19.23 -22.04 26.29
C ARG A 1245 18.56 -21.10 25.30
N THR A 1246 17.37 -21.48 24.84
CA THR A 1246 16.58 -20.64 23.91
C THR A 1246 16.32 -19.28 24.54
N GLY A 1247 16.55 -18.21 23.80
CA GLY A 1247 16.34 -16.87 24.31
C GLY A 1247 17.46 -16.31 25.16
N SER A 1248 18.69 -16.80 24.99
CA SER A 1248 19.80 -16.39 25.84
C SER A 1248 20.70 -15.32 25.23
N GLY A 1249 20.73 -15.18 23.90
CA GLY A 1249 21.52 -14.14 23.29
C GLY A 1249 22.55 -14.60 22.28
N LYS A 1250 22.35 -15.78 21.71
CA LYS A 1250 23.27 -16.29 20.70
C LYS A 1250 23.17 -15.48 19.39
N SER A 1251 21.94 -15.27 18.91
CA SER A 1251 21.76 -14.41 17.75
C SER A 1251 22.16 -12.98 18.05
N THR A 1252 21.99 -12.53 19.30
CA THR A 1252 22.45 -11.19 19.68
C THR A 1252 23.96 -11.07 19.58
N LEU A 1253 24.70 -12.09 20.00
CA LEU A 1253 26.15 -12.09 19.83
C LEU A 1253 26.55 -12.09 18.36
N LEU A 1254 25.88 -12.91 17.54
CA LEU A 1254 26.22 -12.94 16.13
C LEU A 1254 25.90 -11.61 15.44
N SER A 1255 24.82 -10.94 15.85
CA SER A 1255 24.51 -9.61 15.32
C SER A 1255 25.52 -8.57 15.81
N ALA A 1256 25.96 -8.70 17.07
CA ALA A 1256 26.96 -7.76 17.58
C ALA A 1256 28.28 -7.88 16.84
N PHE A 1257 28.60 -9.07 16.32
CA PHE A 1257 29.81 -9.21 15.51
C PHE A 1257 29.73 -8.33 14.28
N LEU A 1258 28.57 -8.30 13.62
CA LEU A 1258 28.37 -7.49 12.42
C LEU A 1258 27.95 -6.07 12.72
N ARG A 1259 27.79 -5.71 14.00
CA ARG A 1259 27.49 -4.34 14.41
C ARG A 1259 26.11 -3.91 13.91
N LEU A 1260 25.15 -4.82 13.95
CA LEU A 1260 23.79 -4.53 13.53
C LEU A 1260 22.93 -3.96 14.65
N LEU A 1261 23.49 -3.78 15.84
CA LEU A 1261 22.80 -3.18 16.97
C LEU A 1261 23.77 -2.25 17.69
N ASN A 1262 23.31 -1.66 18.80
CA ASN A 1262 24.17 -0.79 19.59
C ASN A 1262 25.30 -1.60 20.23
N THR A 1263 26.54 -1.25 19.89
CA THR A 1263 27.71 -1.98 20.36
C THR A 1263 28.65 -1.05 21.09
N GLU A 1264 29.45 -1.62 22.00
CA GLU A 1264 30.36 -0.80 22.81
C GLU A 1264 31.50 -1.70 23.30
N GLY A 1265 32.65 -1.61 22.63
CA GLY A 1265 33.80 -2.45 22.97
C GLY A 1265 34.88 -2.40 21.92
N GLU A 1266 35.65 -3.49 21.75
CA GLU A 1266 36.65 -3.53 20.69
C GLU A 1266 36.75 -4.93 20.13
N ILE A 1267 36.40 -5.09 18.86
CA ILE A 1267 36.59 -6.34 18.11
C ILE A 1267 37.64 -6.09 17.04
N GLN A 1268 38.60 -7.02 16.93
CA GLN A 1268 39.63 -6.93 15.90
C GLN A 1268 39.75 -8.24 15.14
N ILE A 1269 40.06 -8.12 13.85
CA ILE A 1269 40.30 -9.25 12.96
C ILE A 1269 41.69 -9.08 12.36
N ASP A 1270 42.57 -10.06 12.57
CA ASP A 1270 43.95 -10.01 12.09
C ASP A 1270 44.62 -8.71 12.50
N GLY A 1271 44.34 -8.26 13.71
CA GLY A 1271 44.93 -7.02 14.21
C GLY A 1271 44.40 -5.76 13.57
N VAL A 1272 43.19 -5.79 13.03
CA VAL A 1272 42.56 -4.61 12.43
C VAL A 1272 41.27 -4.33 13.17
N SER A 1273 41.21 -3.15 13.80
CA SER A 1273 40.03 -2.76 14.57
C SER A 1273 38.88 -2.37 13.65
N TRP A 1274 37.66 -2.61 14.13
CA TRP A 1274 36.49 -2.32 13.30
C TRP A 1274 36.26 -0.82 13.17
N ASP A 1275 36.86 -0.02 14.05
CA ASP A 1275 36.76 1.42 13.92
C ASP A 1275 37.58 1.95 12.75
N SER A 1276 38.69 1.28 12.44
CA SER A 1276 39.62 1.80 11.45
C SER A 1276 39.02 1.84 10.05
N ILE A 1277 38.22 0.84 9.70
CA ILE A 1277 37.73 0.69 8.34
C ILE A 1277 36.23 0.93 8.31
N THR A 1278 35.72 1.15 7.10
CA THR A 1278 34.30 1.44 6.94
C THR A 1278 33.46 0.19 7.18
N LEU A 1279 32.18 0.41 7.45
CA LEU A 1279 31.27 -0.68 7.76
C LEU A 1279 31.13 -1.65 6.60
N GLN A 1280 31.18 -1.15 5.36
CA GLN A 1280 31.14 -2.04 4.20
C GLN A 1280 32.33 -2.99 4.18
N GLN A 1281 33.53 -2.45 4.37
CA GLN A 1281 34.73 -3.29 4.44
C GLN A 1281 34.63 -4.31 5.56
N TRP A 1282 34.19 -3.86 6.74
CA TRP A 1282 34.10 -4.77 7.88
C TRP A 1282 33.11 -5.91 7.60
N ARG A 1283 31.97 -5.60 6.99
CA ARG A 1283 30.96 -6.62 6.76
C ARG A 1283 31.30 -7.53 5.58
N LYS A 1284 32.17 -7.10 4.66
CA LYS A 1284 32.52 -7.94 3.53
C LYS A 1284 33.39 -9.13 3.89
N ALA A 1285 33.89 -9.22 5.12
CA ALA A 1285 34.81 -10.28 5.52
C ALA A 1285 34.10 -11.45 6.21
N PHE A 1286 32.78 -11.48 6.22
CA PHE A 1286 32.00 -12.48 6.94
C PHE A 1286 31.05 -13.18 5.98
N GLY A 1287 30.98 -14.50 6.07
CA GLY A 1287 29.97 -15.27 5.38
C GLY A 1287 28.94 -15.81 6.35
N VAL A 1288 27.74 -15.24 6.35
CA VAL A 1288 26.77 -15.42 7.42
C VAL A 1288 25.56 -16.18 6.90
N ILE A 1289 25.12 -17.19 7.65
CA ILE A 1289 23.87 -17.89 7.38
C ILE A 1289 22.84 -17.41 8.39
N PRO A 1290 21.80 -16.69 7.97
CA PRO A 1290 20.81 -16.20 8.94
C PRO A 1290 19.85 -17.30 9.39
N GLN A 1291 19.30 -17.11 10.59
CA GLN A 1291 18.31 -18.05 11.10
C GLN A 1291 16.98 -17.91 10.37
N LYS A 1292 16.66 -16.72 9.87
CA LYS A 1292 15.45 -16.49 9.11
C LYS A 1292 15.79 -16.50 7.63
N VAL A 1293 15.29 -17.51 6.91
CA VAL A 1293 15.61 -17.67 5.50
C VAL A 1293 14.90 -16.60 4.68
N PHE A 1294 15.60 -16.07 3.67
CA PHE A 1294 15.10 -14.98 2.84
C PHE A 1294 15.09 -15.43 1.38
N ILE A 1295 13.90 -15.80 0.91
CA ILE A 1295 13.66 -16.10 -0.51
C ILE A 1295 12.80 -14.99 -1.08
N PHE A 1296 13.21 -14.42 -2.20
CA PHE A 1296 12.44 -13.39 -2.87
C PHE A 1296 11.86 -13.91 -4.18
N SER A 1297 10.98 -13.11 -4.79
CA SER A 1297 10.29 -13.50 -6.01
C SER A 1297 11.23 -13.33 -7.20
N GLY A 1298 11.66 -14.44 -7.78
CA GLY A 1298 12.60 -14.40 -8.88
C GLY A 1298 13.09 -15.80 -9.19
N THR A 1299 13.93 -15.88 -10.21
CA THR A 1299 14.39 -17.18 -10.70
C THR A 1299 15.31 -17.85 -9.68
N PHE A 1300 15.53 -19.15 -9.88
CA PHE A 1300 16.41 -19.93 -8.97
C PHE A 1300 17.82 -19.33 -8.98
N ARG A 1301 18.37 -19.08 -10.16
CA ARG A 1301 19.75 -18.59 -10.23
C ARG A 1301 19.87 -17.13 -9.77
N LYS A 1302 18.80 -16.34 -9.91
CA LYS A 1302 18.81 -15.00 -9.33
C LYS A 1302 18.78 -15.07 -7.82
N ASN A 1303 17.98 -15.99 -7.26
CA ASN A 1303 17.97 -16.17 -5.81
C ASN A 1303 19.33 -16.60 -5.29
N LEU A 1304 20.02 -17.47 -6.04
CA LEU A 1304 21.34 -17.93 -5.60
C LEU A 1304 22.46 -16.95 -5.92
N ASP A 1305 22.25 -15.97 -6.80
CA ASP A 1305 23.32 -15.10 -7.27
C ASP A 1305 22.74 -13.80 -7.79
N PRO A 1306 22.43 -12.85 -6.89
CA PRO A 1306 21.78 -11.61 -7.33
C PRO A 1306 22.68 -10.70 -8.14
N TYR A 1307 23.99 -10.75 -7.96
CA TYR A 1307 24.91 -9.87 -8.67
C TYR A 1307 25.40 -10.44 -9.99
N GLU A 1308 25.01 -11.66 -10.34
CA GLU A 1308 25.30 -12.27 -11.63
C GLU A 1308 26.81 -12.26 -11.93
N GLN A 1309 27.56 -12.85 -11.01
CA GLN A 1309 29.00 -12.97 -11.14
C GLN A 1309 29.49 -14.39 -11.40
N TRP A 1310 28.73 -15.40 -10.97
CA TRP A 1310 29.12 -16.79 -11.16
C TRP A 1310 28.48 -17.36 -12.41
N SER A 1311 29.06 -18.43 -12.92
CA SER A 1311 28.56 -19.06 -14.13
C SER A 1311 27.74 -20.30 -13.81
N ASP A 1312 26.88 -20.68 -14.76
CA ASP A 1312 25.96 -21.79 -14.52
C ASP A 1312 26.69 -23.09 -14.24
N GLN A 1313 27.89 -23.28 -14.80
CA GLN A 1313 28.67 -24.48 -14.52
C GLN A 1313 29.06 -24.57 -13.05
N GLU A 1314 29.61 -23.48 -12.49
CA GLU A 1314 29.96 -23.46 -11.08
C GLU A 1314 28.72 -23.51 -10.19
N ILE A 1315 27.61 -22.90 -10.63
CA ILE A 1315 26.39 -22.95 -9.86
C ILE A 1315 25.85 -24.38 -9.80
N TRP A 1316 25.88 -25.11 -10.90
CA TRP A 1316 25.47 -26.51 -10.87
C TRP A 1316 26.43 -27.36 -10.05
N LYS A 1317 27.72 -27.07 -10.09
CA LYS A 1317 28.68 -27.77 -9.25
C LYS A 1317 28.36 -27.60 -7.76
N VAL A 1318 28.08 -26.37 -7.33
CA VAL A 1318 27.70 -26.14 -5.93
C VAL A 1318 26.37 -26.80 -5.60
N ALA A 1319 25.38 -26.67 -6.50
CA ALA A 1319 24.06 -27.25 -6.26
C ALA A 1319 24.16 -28.75 -6.04
N ASP A 1320 24.91 -29.44 -6.90
CA ASP A 1320 25.17 -30.85 -6.69
C ASP A 1320 25.93 -31.08 -5.39
N GLU A 1321 26.84 -30.17 -5.04
CA GLU A 1321 27.60 -30.32 -3.81
C GLU A 1321 26.70 -30.33 -2.57
N VAL A 1322 25.60 -29.57 -2.58
CA VAL A 1322 24.73 -29.48 -1.41
C VAL A 1322 23.42 -30.23 -1.60
N GLY A 1323 23.36 -31.16 -2.55
CA GLY A 1323 22.16 -31.97 -2.72
C GLY A 1323 20.93 -31.20 -3.18
N LEU A 1324 21.09 -30.31 -4.15
CA LEU A 1324 19.98 -29.52 -4.68
C LEU A 1324 19.69 -29.83 -6.14
N ARG A 1325 20.45 -30.73 -6.75
CA ARG A 1325 20.25 -31.06 -8.16
C ARG A 1325 18.89 -31.70 -8.38
N SER A 1326 18.52 -32.69 -7.56
CA SER A 1326 17.25 -33.37 -7.72
C SER A 1326 16.09 -32.41 -7.52
N VAL A 1327 16.16 -31.55 -6.51
CA VAL A 1327 15.09 -30.60 -6.24
C VAL A 1327 14.97 -29.61 -7.38
N ILE A 1328 16.11 -29.09 -7.89
CA ILE A 1328 16.05 -28.06 -8.92
C ILE A 1328 15.54 -28.64 -10.23
N GLU A 1329 15.92 -29.87 -10.57
CA GLU A 1329 15.54 -30.45 -11.84
C GLU A 1329 14.16 -31.13 -11.80
N GLN A 1330 13.31 -30.76 -10.85
CA GLN A 1330 11.96 -31.28 -10.77
C GLN A 1330 10.91 -30.27 -11.19
N PHE A 1331 11.31 -29.06 -11.60
CA PHE A 1331 10.44 -27.99 -12.06
C PHE A 1331 10.64 -27.76 -13.56
N PRO A 1332 9.65 -27.19 -14.25
CA PRO A 1332 9.80 -27.00 -15.71
C PRO A 1332 11.04 -26.21 -16.10
N GLY A 1333 11.38 -25.18 -15.35
CA GLY A 1333 12.59 -24.43 -15.62
C GLY A 1333 13.73 -24.82 -14.70
N LYS A 1334 14.78 -25.41 -15.25
CA LYS A 1334 15.96 -25.73 -14.48
C LYS A 1334 16.83 -24.48 -14.39
N LEU A 1335 16.89 -23.89 -13.19
CA LEU A 1335 17.58 -22.63 -12.93
C LEU A 1335 16.85 -21.44 -13.54
N ASP A 1336 15.79 -21.70 -14.30
CA ASP A 1336 14.98 -20.65 -14.90
C ASP A 1336 13.58 -20.57 -14.33
N PHE A 1337 13.17 -21.55 -13.51
CA PHE A 1337 11.88 -21.51 -12.85
C PHE A 1337 11.82 -20.34 -11.87
N VAL A 1338 10.69 -19.65 -11.84
CA VAL A 1338 10.51 -18.45 -11.02
C VAL A 1338 9.80 -18.83 -9.73
N LEU A 1339 10.44 -18.57 -8.61
CA LEU A 1339 9.82 -18.81 -7.31
C LEU A 1339 8.94 -17.63 -6.92
N VAL A 1340 7.76 -17.94 -6.36
CA VAL A 1340 6.82 -16.93 -5.92
C VAL A 1340 6.40 -17.26 -4.50
N ASP A 1341 5.80 -16.25 -3.84
CA ASP A 1341 5.34 -16.40 -2.43
C ASP A 1341 6.50 -16.87 -1.56
N GLY A 1342 7.69 -16.29 -1.76
CA GLY A 1342 8.82 -16.63 -0.91
C GLY A 1342 9.13 -18.11 -0.88
N GLY A 1343 9.20 -18.74 -2.04
CA GLY A 1343 9.51 -20.15 -2.14
C GLY A 1343 8.49 -21.08 -1.54
N CYS A 1344 7.21 -20.90 -1.88
CA CYS A 1344 6.13 -21.75 -1.31
C CYS A 1344 6.18 -23.16 -1.90
N VAL A 1345 6.91 -23.35 -3.00
CA VAL A 1345 6.93 -24.63 -3.69
C VAL A 1345 8.12 -25.44 -3.19
N LEU A 1346 8.80 -24.93 -2.15
CA LEU A 1346 9.94 -25.59 -1.56
C LEU A 1346 9.61 -26.01 -0.13
N SER A 1347 10.32 -27.02 0.35
CA SER A 1347 10.18 -27.44 1.74
C SER A 1347 11.15 -26.68 2.64
N HIS A 1348 10.93 -26.81 3.95
CA HIS A 1348 11.76 -26.12 4.94
C HIS A 1348 13.23 -26.52 4.82
N GLY A 1349 13.49 -27.83 4.73
CA GLY A 1349 14.85 -28.30 4.53
C GLY A 1349 15.44 -27.85 3.21
N HIS A 1350 14.62 -27.75 2.17
CA HIS A 1350 15.10 -27.23 0.89
C HIS A 1350 15.55 -25.78 1.02
N LYS A 1351 14.81 -24.95 1.75
CA LYS A 1351 15.25 -23.58 1.97
C LYS A 1351 16.55 -23.53 2.78
N GLN A 1352 16.68 -24.39 3.79
CA GLN A 1352 17.95 -24.45 4.52
C GLN A 1352 19.12 -24.83 3.61
N LEU A 1353 18.90 -25.77 2.69
CA LEU A 1353 19.96 -26.15 1.76
C LEU A 1353 20.28 -25.02 0.78
N MET A 1354 19.29 -24.23 0.37
CA MET A 1354 19.59 -23.06 -0.46
C MET A 1354 20.46 -22.04 0.28
N CYS A 1355 20.17 -21.79 1.56
CA CYS A 1355 21.03 -20.90 2.34
C CYS A 1355 22.46 -21.46 2.45
N LEU A 1356 22.58 -22.77 2.64
CA LEU A 1356 23.91 -23.38 2.66
C LEU A 1356 24.62 -23.19 1.32
N ALA A 1357 23.88 -23.30 0.21
CA ALA A 1357 24.47 -23.11 -1.11
C ALA A 1357 24.97 -21.68 -1.30
N ARG A 1358 24.20 -20.69 -0.84
CA ARG A 1358 24.66 -19.30 -0.90
C ARG A 1358 25.96 -19.14 -0.12
N SER A 1359 26.02 -19.70 1.09
CA SER A 1359 27.22 -19.56 1.90
C SER A 1359 28.42 -20.28 1.27
N VAL A 1360 28.19 -21.37 0.56
CA VAL A 1360 29.28 -22.06 -0.13
C VAL A 1360 29.76 -21.23 -1.32
N LEU A 1361 28.84 -20.61 -2.06
CA LEU A 1361 29.23 -19.75 -3.17
C LEU A 1361 30.10 -18.60 -2.69
N SER A 1362 29.72 -17.97 -1.59
CA SER A 1362 30.60 -16.97 -0.98
C SER A 1362 31.86 -17.65 -0.45
N LYS A 1363 33.01 -16.98 -0.60
CA LYS A 1363 34.30 -17.52 -0.16
C LYS A 1363 34.90 -16.56 0.86
N ALA A 1364 34.51 -16.71 2.12
CA ALA A 1364 34.93 -15.81 3.18
C ALA A 1364 35.80 -16.56 4.19
N LYS A 1365 36.79 -15.85 4.75
CA LYS A 1365 37.71 -16.47 5.70
C LYS A 1365 37.00 -16.81 7.01
N ILE A 1366 36.11 -15.93 7.47
CA ILE A 1366 35.36 -16.13 8.71
C ILE A 1366 33.91 -16.40 8.35
N LEU A 1367 33.31 -17.38 9.01
CA LEU A 1367 31.94 -17.79 8.75
C LEU A 1367 31.15 -17.77 10.05
N LEU A 1368 29.93 -17.24 10.00
CA LEU A 1368 29.04 -17.12 11.16
C LEU A 1368 27.74 -17.86 10.86
N LEU A 1369 27.66 -19.11 11.31
CA LEU A 1369 26.50 -19.95 11.03
C LEU A 1369 25.54 -19.95 12.21
N ASP A 1370 24.25 -19.75 11.93
CA ASP A 1370 23.21 -19.62 12.94
C ASP A 1370 22.19 -20.75 12.76
N GLN A 1371 22.41 -21.86 13.46
CA GLN A 1371 21.57 -23.05 13.38
C GLN A 1371 21.29 -23.49 11.95
N PRO A 1372 22.31 -23.95 11.22
CA PRO A 1372 22.09 -24.42 9.84
C PRO A 1372 21.15 -25.60 9.74
N SER A 1373 21.10 -26.49 10.72
CA SER A 1373 20.19 -27.64 10.71
C SER A 1373 19.09 -27.35 11.71
N ALA A 1374 17.99 -26.77 11.23
CA ALA A 1374 16.88 -26.38 12.08
C ALA A 1374 15.85 -27.49 12.22
N HIS A 1375 15.32 -27.96 11.09
CA HIS A 1375 14.29 -29.00 11.09
C HIS A 1375 14.73 -30.20 10.27
N LEU A 1376 16.02 -30.52 10.28
CA LEU A 1376 16.56 -31.59 9.46
C LEU A 1376 16.65 -32.88 10.26
N ASP A 1377 16.45 -33.99 9.56
CA ASP A 1377 16.67 -35.30 10.15
C ASP A 1377 18.15 -35.66 10.05
N PRO A 1378 18.62 -36.61 10.87
CA PRO A 1378 20.06 -36.91 10.89
C PRO A 1378 20.63 -37.34 9.55
N VAL A 1379 19.82 -37.96 8.68
CA VAL A 1379 20.30 -38.36 7.36
C VAL A 1379 20.70 -37.13 6.55
N THR A 1380 19.86 -36.09 6.57
CA THR A 1380 20.16 -34.89 5.80
C THR A 1380 21.26 -34.06 6.44
N TYR A 1381 21.42 -34.18 7.76
CA TYR A 1381 22.46 -33.44 8.46
C TYR A 1381 23.86 -33.86 8.02
N GLN A 1382 23.99 -35.07 7.47
CA GLN A 1382 25.28 -35.52 6.95
C GLN A 1382 25.80 -34.58 5.86
N ILE A 1383 24.90 -33.93 5.14
CA ILE A 1383 25.31 -32.93 4.15
C ILE A 1383 26.03 -31.77 4.82
N ILE A 1384 25.43 -31.23 5.88
CA ILE A 1384 26.06 -30.10 6.56
C ILE A 1384 27.39 -30.52 7.16
N ARG A 1385 27.45 -31.76 7.66
CA ARG A 1385 28.72 -32.28 8.25
C ARG A 1385 29.82 -32.34 7.17
N ARG A 1386 29.52 -32.98 6.04
CA ARG A 1386 30.51 -33.12 4.93
C ARG A 1386 30.92 -31.73 4.43
N THR A 1387 29.93 -30.84 4.23
CA THR A 1387 30.23 -29.50 3.72
C THR A 1387 31.12 -28.72 4.68
N LEU A 1388 30.86 -28.82 5.98
CA LEU A 1388 31.70 -28.14 6.96
C LEU A 1388 33.14 -28.63 6.89
N LYS A 1389 33.32 -29.95 6.74
CA LYS A 1389 34.69 -30.46 6.71
C LYS A 1389 35.39 -30.13 5.39
N GLN A 1390 34.66 -30.16 4.27
CA GLN A 1390 35.33 -30.02 2.95
C GLN A 1390 35.37 -28.57 2.45
N ALA A 1391 34.20 -27.94 2.30
CA ALA A 1391 34.17 -26.60 1.70
C ALA A 1391 34.90 -25.59 2.57
N PHE A 1392 34.69 -25.65 3.88
CA PHE A 1392 35.35 -24.73 4.81
C PHE A 1392 36.59 -25.38 5.41
N ALA A 1393 37.55 -25.66 4.52
CA ALA A 1393 38.71 -26.46 4.88
C ALA A 1393 39.77 -25.66 5.64
N ASP A 1394 39.88 -24.36 5.38
CA ASP A 1394 40.93 -23.53 5.98
C ASP A 1394 40.34 -22.23 6.55
N CYS A 1395 39.12 -22.29 7.06
CA CYS A 1395 38.38 -21.10 7.47
C CYS A 1395 38.05 -21.17 8.95
N THR A 1396 38.05 -20.00 9.61
CA THR A 1396 37.53 -19.91 10.96
C THR A 1396 36.01 -20.01 10.93
N VAL A 1397 35.45 -20.86 11.80
CA VAL A 1397 34.02 -21.14 11.79
C VAL A 1397 33.49 -20.99 13.21
N ILE A 1398 32.44 -20.19 13.37
CA ILE A 1398 31.72 -20.06 14.62
C ILE A 1398 30.33 -20.61 14.38
N LEU A 1399 30.04 -21.79 14.92
CA LEU A 1399 28.82 -22.53 14.61
C LEU A 1399 27.90 -22.51 15.82
N CYS A 1400 26.70 -21.98 15.62
CA CYS A 1400 25.64 -22.08 16.61
C CYS A 1400 24.69 -23.20 16.22
N GLU A 1401 24.40 -24.10 17.16
CA GLU A 1401 23.54 -25.27 16.84
C GLU A 1401 23.01 -25.95 18.11
N HIS A 1402 21.70 -26.19 18.18
CA HIS A 1402 21.13 -26.93 19.31
C HIS A 1402 21.34 -28.43 19.19
N ARG A 1403 21.87 -28.91 18.08
CA ARG A 1403 22.13 -30.33 17.89
C ARG A 1403 23.42 -30.74 18.60
N ILE A 1404 23.47 -31.97 19.08
CA ILE A 1404 24.60 -32.44 19.86
C ILE A 1404 25.69 -33.04 18.99
N GLU A 1405 25.32 -33.76 17.93
CA GLU A 1405 26.31 -34.34 17.03
C GLU A 1405 27.21 -33.26 16.44
N ALA A 1406 26.67 -32.08 16.19
CA ALA A 1406 27.46 -30.96 15.69
C ALA A 1406 28.57 -30.58 16.67
N MET A 1407 28.32 -30.68 17.98
CA MET A 1407 29.34 -30.40 18.96
C MET A 1407 30.51 -31.37 18.89
N LEU A 1408 30.37 -32.47 18.16
CA LEU A 1408 31.50 -33.38 17.94
C LEU A 1408 32.46 -32.86 16.89
N GLU A 1409 32.15 -31.74 16.23
CA GLU A 1409 33.00 -31.21 15.16
C GLU A 1409 33.57 -29.84 15.50
N CYS A 1410 33.83 -29.59 16.79
CA CYS A 1410 34.33 -28.31 17.24
C CYS A 1410 35.39 -28.51 18.30
N GLN A 1411 36.28 -27.51 18.44
CA GLN A 1411 37.36 -27.55 19.42
C GLN A 1411 37.19 -26.52 20.53
N GLN A 1412 36.67 -25.34 20.23
CA GLN A 1412 36.41 -24.35 21.27
C GLN A 1412 34.92 -24.30 21.57
N PHE A 1413 34.57 -23.82 22.76
CA PHE A 1413 33.17 -23.73 23.15
C PHE A 1413 32.90 -22.44 23.90
N LEU A 1414 31.76 -21.83 23.60
CA LEU A 1414 31.35 -20.58 24.24
C LEU A 1414 29.92 -20.76 24.72
N VAL A 1415 29.72 -20.75 26.04
CA VAL A 1415 28.40 -20.96 26.63
C VAL A 1415 27.85 -19.63 27.12
N ILE A 1416 26.65 -19.28 26.68
CA ILE A 1416 25.99 -18.06 27.15
C ILE A 1416 25.12 -18.41 28.36
N GLU A 1417 25.32 -17.70 29.47
CA GLU A 1417 24.52 -17.90 30.67
C GLU A 1417 24.50 -16.57 31.42
N GLU A 1418 23.29 -16.11 31.76
CA GLU A 1418 23.07 -14.94 32.63
C GLU A 1418 23.78 -13.68 32.09
N ASN A 1419 23.75 -13.51 30.77
CA ASN A 1419 24.36 -12.38 30.06
C ASN A 1419 25.88 -12.42 30.05
N LYS A 1420 26.47 -13.58 30.35
CA LYS A 1420 27.92 -13.72 30.36
C LYS A 1420 28.31 -15.00 29.64
N VAL A 1421 29.38 -14.93 28.87
CA VAL A 1421 29.85 -16.08 28.10
C VAL A 1421 31.05 -16.69 28.80
N ARG A 1422 31.01 -18.00 29.02
CA ARG A 1422 32.09 -18.74 29.64
C ARG A 1422 32.78 -19.59 28.57
N GLN A 1423 34.11 -19.60 28.62
CA GLN A 1423 34.90 -20.31 27.58
C GLN A 1423 35.31 -21.69 28.05
N TYR A 1424 35.24 -22.67 27.15
CA TYR A 1424 35.60 -24.06 27.40
C TYR A 1424 36.37 -24.60 26.21
N ASP A 1425 37.13 -25.68 26.44
CA ASP A 1425 37.81 -26.36 25.35
C ASP A 1425 37.51 -27.85 25.29
N SER A 1426 36.55 -28.35 26.08
CA SER A 1426 36.17 -29.75 26.01
C SER A 1426 34.68 -29.88 26.33
N ILE A 1427 33.93 -30.50 25.41
CA ILE A 1427 32.50 -30.67 25.62
C ILE A 1427 32.24 -31.64 26.78
N GLN A 1428 33.14 -32.60 26.98
CA GLN A 1428 32.99 -33.51 28.10
C GLN A 1428 33.16 -32.78 29.43
N LYS A 1429 34.16 -31.90 29.51
CA LYS A 1429 34.33 -31.06 30.70
C LYS A 1429 33.12 -30.15 30.90
N LEU A 1430 32.60 -29.59 29.82
CA LEU A 1430 31.43 -28.73 29.89
C LEU A 1430 30.22 -29.49 30.43
N LEU A 1431 29.98 -30.69 29.90
CA LEU A 1431 28.78 -31.48 30.29
C LEU A 1431 28.92 -32.00 31.73
N ASN A 1432 30.13 -32.37 32.15
CA ASN A 1432 30.27 -32.95 33.48
C ASN A 1432 29.85 -31.99 34.57
N GLU A 1433 29.96 -30.68 34.31
CA GLU A 1433 29.59 -29.67 35.31
C GLU A 1433 28.09 -29.42 35.37
N ARG A 1434 27.33 -29.83 34.36
CA ARG A 1434 25.89 -29.62 34.31
C ARG A 1434 25.19 -30.97 34.37
N SER A 1435 24.30 -31.14 35.34
CA SER A 1435 23.65 -32.43 35.56
C SER A 1435 22.43 -32.60 34.67
N LEU A 1436 21.52 -31.62 34.67
CA LEU A 1436 20.25 -31.77 33.96
C LEU A 1436 20.45 -31.91 32.46
N PHE A 1437 21.35 -31.11 31.90
CA PHE A 1437 21.60 -31.11 30.44
C PHE A 1437 22.16 -32.48 30.05
N ARG A 1438 23.11 -32.95 30.82
CA ARG A 1438 23.71 -34.27 30.58
C ARG A 1438 22.67 -35.37 30.71
N GLN A 1439 21.71 -35.22 31.63
CA GLN A 1439 20.65 -36.21 31.77
C GLN A 1439 19.69 -36.17 30.60
N ALA A 1440 19.50 -35.01 29.98
CA ALA A 1440 18.59 -34.88 28.85
C ALA A 1440 19.21 -35.33 27.53
N ILE A 1441 20.51 -35.60 27.50
CA ILE A 1441 21.16 -36.03 26.27
C ILE A 1441 20.67 -37.42 25.88
N SER A 1442 20.34 -37.59 24.61
CA SER A 1442 19.78 -38.85 24.13
C SER A 1442 20.85 -39.95 24.18
N PRO A 1443 20.41 -41.22 24.31
CA PRO A 1443 21.38 -42.31 24.45
C PRO A 1443 22.36 -42.42 23.31
N SER A 1444 21.93 -42.17 22.07
CA SER A 1444 22.87 -42.18 20.95
C SER A 1444 23.89 -41.04 21.06
N ASP A 1445 23.43 -39.86 21.46
CA ASP A 1445 24.34 -38.73 21.61
C ASP A 1445 25.39 -39.00 22.68
N ARG A 1446 24.98 -39.59 23.81
CA ARG A 1446 25.97 -39.89 24.85
C ARG A 1446 26.82 -41.11 24.52
N VAL A 1447 26.32 -42.04 23.71
CA VAL A 1447 27.16 -43.11 23.18
C VAL A 1447 28.27 -42.52 22.33
N LYS A 1448 27.93 -41.53 21.49
CA LYS A 1448 28.95 -40.87 20.69
C LYS A 1448 29.92 -40.08 21.56
N LEU A 1449 29.40 -39.29 22.49
CA LEU A 1449 30.25 -38.43 23.30
C LEU A 1449 31.22 -39.22 24.16
N PHE A 1450 30.72 -40.28 24.81
CA PHE A 1450 31.55 -41.13 25.68
C PHE A 1450 31.60 -42.54 25.10
N PRO A 1451 32.66 -42.91 24.37
CA PRO A 1451 32.71 -44.24 23.78
C PRO A 1451 33.27 -45.28 24.74
#